data_1HPI
# 
_entry.id   1HPI 
# 
_audit_conform.dict_name       mmcif_pdbx.dic 
_audit_conform.dict_version    5.386 
_audit_conform.dict_location   http://mmcif.pdb.org/dictionaries/ascii/mmcif_pdbx.dic 
# 
loop_
_database_2.database_id 
_database_2.database_code 
_database_2.pdbx_database_accession 
_database_2.pdbx_DOI 
PDB   1HPI         pdb_00001hpi 10.2210/pdb1hpi/pdb 
WWPDB D_1000173954 ?            ?                   
# 
loop_
_pdbx_audit_revision_history.ordinal 
_pdbx_audit_revision_history.data_content_type 
_pdbx_audit_revision_history.major_revision 
_pdbx_audit_revision_history.minor_revision 
_pdbx_audit_revision_history.revision_date 
1 'Structure model' 1 0 1994-04-30 
2 'Structure model' 1 1 2008-03-24 
3 'Structure model' 1 2 2011-07-13 
4 'Structure model' 1 3 2017-11-29 
5 'Structure model' 1 4 2024-02-07 
# 
_pdbx_audit_revision_details.ordinal             1 
_pdbx_audit_revision_details.revision_ordinal    1 
_pdbx_audit_revision_details.data_content_type   'Structure model' 
_pdbx_audit_revision_details.provider            repository 
_pdbx_audit_revision_details.type                'Initial release' 
_pdbx_audit_revision_details.description         ? 
_pdbx_audit_revision_details.details             ? 
# 
loop_
_pdbx_audit_revision_group.ordinal 
_pdbx_audit_revision_group.revision_ordinal 
_pdbx_audit_revision_group.data_content_type 
_pdbx_audit_revision_group.group 
1 2 'Structure model' 'Version format compliance' 
2 3 'Structure model' 'Version format compliance' 
3 4 'Structure model' 'Derived calculations'      
4 4 'Structure model' Other                       
5 5 'Structure model' 'Data collection'           
6 5 'Structure model' 'Database references'       
7 5 'Structure model' 'Derived calculations'      
# 
loop_
_pdbx_audit_revision_category.ordinal 
_pdbx_audit_revision_category.revision_ordinal 
_pdbx_audit_revision_category.data_content_type 
_pdbx_audit_revision_category.category 
1 4 'Structure model' pdbx_database_status 
2 4 'Structure model' struct_conf          
3 4 'Structure model' struct_conf_type     
4 5 'Structure model' chem_comp_atom       
5 5 'Structure model' chem_comp_bond       
6 5 'Structure model' database_2           
7 5 'Structure model' struct_site          
# 
loop_
_pdbx_audit_revision_item.ordinal 
_pdbx_audit_revision_item.revision_ordinal 
_pdbx_audit_revision_item.data_content_type 
_pdbx_audit_revision_item.item 
1 4 'Structure model' '_pdbx_database_status.process_site'  
2 5 'Structure model' '_database_2.pdbx_DOI'                
3 5 'Structure model' '_database_2.pdbx_database_accession' 
4 5 'Structure model' '_struct_site.pdbx_auth_asym_id'      
5 5 'Structure model' '_struct_site.pdbx_auth_comp_id'      
6 5 'Structure model' '_struct_site.pdbx_auth_seq_id'       
# 
_pdbx_database_status.status_code                     REL 
_pdbx_database_status.entry_id                        1HPI 
_pdbx_database_status.recvd_initial_deposition_date   1993-12-09 
_pdbx_database_status.deposit_site                    ? 
_pdbx_database_status.process_site                    BNL 
_pdbx_database_status.SG_entry                        . 
_pdbx_database_status.pdb_format_compatible           Y 
_pdbx_database_status.status_code_mr                  ? 
_pdbx_database_status.status_code_sf                  ? 
_pdbx_database_status.status_code_cs                  ? 
_pdbx_database_status.methods_development_category    ? 
_pdbx_database_status.status_code_nmr_data            ? 
# 
loop_
_audit_author.name 
_audit_author.pdbx_ordinal 
'Benning, M.M.' 1 
'Meyer, T.E.'   2 
'Rayment, I.'   3 
'Holden, H.M.'  4 
# 
_citation.id                        primary 
_citation.title                     
'Molecular structure of the oxidized high-potential iron-sulfur protein isolated from Ectothiorhodospira vacuolata.' 
_citation.journal_abbrev            Biochemistry 
_citation.journal_volume            33 
_citation.page_first                2476 
_citation.page_last                 2483 
_citation.year                      1994 
_citation.journal_id_ASTM           BICHAW 
_citation.country                   US 
_citation.journal_id_ISSN           0006-2960 
_citation.journal_id_CSD            0033 
_citation.book_publisher            ? 
_citation.pdbx_database_id_PubMed   8117708 
_citation.pdbx_database_id_DOI      10.1021/bi00175a016 
# 
loop_
_citation_author.citation_id 
_citation_author.name 
_citation_author.ordinal 
_citation_author.identifier_ORCID 
primary 'Benning, M.M.' 1 ? 
primary 'Meyer, T.E.'   2 ? 
primary 'Rayment, I.'   3 ? 
primary 'Holden, H.M.'  4 ? 
# 
loop_
_entity.id 
_entity.type 
_entity.src_method 
_entity.pdbx_description 
_entity.formula_weight 
_entity.pdbx_number_of_molecules 
_entity.pdbx_ec 
_entity.pdbx_mutation 
_entity.pdbx_fragment 
_entity.details 
1 polymer     man 'HIGH POTENTIAL IRON SULFUR PROTEIN' 7824.582 1  ? ? ? ? 
2 non-polymer syn 'IRON/SULFUR CLUSTER'                351.640  1  ? ? ? ? 
3 water       nat water                                18.015   57 ? ? ? ? 
# 
_entity_poly.entity_id                      1 
_entity_poly.type                           'polypeptide(L)' 
_entity_poly.nstd_linkage                   no 
_entity_poly.nstd_monomer                   no 
_entity_poly.pdbx_seq_one_letter_code       MERLSEDDPAAQALEYRHDASSVQHPAYEEGQTCLNCLLYTDASAQDWGPCSVFPGKLVSANGWCTAWVAR 
_entity_poly.pdbx_seq_one_letter_code_can   MERLSEDDPAAQALEYRHDASSVQHPAYEEGQTCLNCLLYTDASAQDWGPCSVFPGKLVSANGWCTAWVAR 
_entity_poly.pdbx_strand_id                 A 
_entity_poly.pdbx_target_identifier         ? 
# 
loop_
_pdbx_entity_nonpoly.entity_id 
_pdbx_entity_nonpoly.name 
_pdbx_entity_nonpoly.comp_id 
2 'IRON/SULFUR CLUSTER' SF4 
3 water                 HOH 
# 
loop_
_entity_poly_seq.entity_id 
_entity_poly_seq.num 
_entity_poly_seq.mon_id 
_entity_poly_seq.hetero 
1 1  MET n 
1 2  GLU n 
1 3  ARG n 
1 4  LEU n 
1 5  SER n 
1 6  GLU n 
1 7  ASP n 
1 8  ASP n 
1 9  PRO n 
1 10 ALA n 
1 11 ALA n 
1 12 GLN n 
1 13 ALA n 
1 14 LEU n 
1 15 GLU n 
1 16 TYR n 
1 17 ARG n 
1 18 HIS n 
1 19 ASP n 
1 20 ALA n 
1 21 SER n 
1 22 SER n 
1 23 VAL n 
1 24 GLN n 
1 25 HIS n 
1 26 PRO n 
1 27 ALA n 
1 28 TYR n 
1 29 GLU n 
1 30 GLU n 
1 31 GLY n 
1 32 GLN n 
1 33 THR n 
1 34 CYS n 
1 35 LEU n 
1 36 ASN n 
1 37 CYS n 
1 38 LEU n 
1 39 LEU n 
1 40 TYR n 
1 41 THR n 
1 42 ASP n 
1 43 ALA n 
1 44 SER n 
1 45 ALA n 
1 46 GLN n 
1 47 ASP n 
1 48 TRP n 
1 49 GLY n 
1 50 PRO n 
1 51 CYS n 
1 52 SER n 
1 53 VAL n 
1 54 PHE n 
1 55 PRO n 
1 56 GLY n 
1 57 LYS n 
1 58 LEU n 
1 59 VAL n 
1 60 SER n 
1 61 ALA n 
1 62 ASN n 
1 63 GLY n 
1 64 TRP n 
1 65 CYS n 
1 66 THR n 
1 67 ALA n 
1 68 TRP n 
1 69 VAL n 
1 70 ALA n 
1 71 ARG n 
# 
_entity_src_gen.entity_id                          1 
_entity_src_gen.pdbx_src_id                        1 
_entity_src_gen.pdbx_alt_source_flag               sample 
_entity_src_gen.pdbx_seq_type                      ? 
_entity_src_gen.pdbx_beg_seq_num                   ? 
_entity_src_gen.pdbx_end_seq_num                   ? 
_entity_src_gen.gene_src_common_name               ? 
_entity_src_gen.gene_src_genus                     Ectothiorhodospira 
_entity_src_gen.pdbx_gene_src_gene                 ? 
_entity_src_gen.gene_src_species                   ? 
_entity_src_gen.gene_src_strain                    ? 
_entity_src_gen.gene_src_tissue                    ? 
_entity_src_gen.gene_src_tissue_fraction           ? 
_entity_src_gen.gene_src_details                   ? 
_entity_src_gen.pdbx_gene_src_fragment             ? 
_entity_src_gen.pdbx_gene_src_scientific_name      'Ectothiorhodospira shaposhnikovii' 
_entity_src_gen.pdbx_gene_src_ncbi_taxonomy_id     1054 
_entity_src_gen.pdbx_gene_src_variant              ? 
_entity_src_gen.pdbx_gene_src_cell_line            ? 
_entity_src_gen.pdbx_gene_src_atcc                 ? 
_entity_src_gen.pdbx_gene_src_organ                ? 
_entity_src_gen.pdbx_gene_src_organelle            ? 
_entity_src_gen.pdbx_gene_src_cell                 ? 
_entity_src_gen.pdbx_gene_src_cellular_location    ? 
_entity_src_gen.host_org_common_name               ? 
_entity_src_gen.pdbx_host_org_scientific_name      ? 
_entity_src_gen.pdbx_host_org_ncbi_taxonomy_id     ? 
_entity_src_gen.host_org_genus                     ? 
_entity_src_gen.pdbx_host_org_gene                 ? 
_entity_src_gen.pdbx_host_org_organ                ? 
_entity_src_gen.host_org_species                   ? 
_entity_src_gen.pdbx_host_org_tissue               ? 
_entity_src_gen.pdbx_host_org_tissue_fraction      ? 
_entity_src_gen.pdbx_host_org_strain               ? 
_entity_src_gen.pdbx_host_org_variant              ? 
_entity_src_gen.pdbx_host_org_cell_line            ? 
_entity_src_gen.pdbx_host_org_atcc                 ? 
_entity_src_gen.pdbx_host_org_culture_collection   ? 
_entity_src_gen.pdbx_host_org_cell                 ? 
_entity_src_gen.pdbx_host_org_organelle            ? 
_entity_src_gen.pdbx_host_org_cellular_location    ? 
_entity_src_gen.pdbx_host_org_vector_type          ? 
_entity_src_gen.pdbx_host_org_vector               ? 
_entity_src_gen.host_org_details                   ? 
_entity_src_gen.expression_system_id               ? 
_entity_src_gen.plasmid_name                       ? 
_entity_src_gen.plasmid_details                    ? 
_entity_src_gen.pdbx_description                   ? 
# 
loop_
_chem_comp.id 
_chem_comp.type 
_chem_comp.mon_nstd_flag 
_chem_comp.name 
_chem_comp.pdbx_synonyms 
_chem_comp.formula 
_chem_comp.formula_weight 
ALA 'L-peptide linking' y ALANINE               ? 'C3 H7 N O2'     89.093  
ARG 'L-peptide linking' y ARGININE              ? 'C6 H15 N4 O2 1' 175.209 
ASN 'L-peptide linking' y ASPARAGINE            ? 'C4 H8 N2 O3'    132.118 
ASP 'L-peptide linking' y 'ASPARTIC ACID'       ? 'C4 H7 N O4'     133.103 
CYS 'L-peptide linking' y CYSTEINE              ? 'C3 H7 N O2 S'   121.158 
GLN 'L-peptide linking' y GLUTAMINE             ? 'C5 H10 N2 O3'   146.144 
GLU 'L-peptide linking' y 'GLUTAMIC ACID'       ? 'C5 H9 N O4'     147.129 
GLY 'peptide linking'   y GLYCINE               ? 'C2 H5 N O2'     75.067  
HIS 'L-peptide linking' y HISTIDINE             ? 'C6 H10 N3 O2 1' 156.162 
HOH non-polymer         . WATER                 ? 'H2 O'           18.015  
LEU 'L-peptide linking' y LEUCINE               ? 'C6 H13 N O2'    131.173 
LYS 'L-peptide linking' y LYSINE                ? 'C6 H15 N2 O2 1' 147.195 
MET 'L-peptide linking' y METHIONINE            ? 'C5 H11 N O2 S'  149.211 
PHE 'L-peptide linking' y PHENYLALANINE         ? 'C9 H11 N O2'    165.189 
PRO 'L-peptide linking' y PROLINE               ? 'C5 H9 N O2'     115.130 
SER 'L-peptide linking' y SERINE                ? 'C3 H7 N O3'     105.093 
SF4 non-polymer         . 'IRON/SULFUR CLUSTER' ? 'Fe4 S4'         351.640 
THR 'L-peptide linking' y THREONINE             ? 'C4 H9 N O3'     119.119 
TRP 'L-peptide linking' y TRYPTOPHAN            ? 'C11 H12 N2 O2'  204.225 
TYR 'L-peptide linking' y TYROSINE              ? 'C9 H11 N O3'    181.189 
VAL 'L-peptide linking' y VALINE                ? 'C5 H11 N O2'    117.146 
# 
loop_
_pdbx_poly_seq_scheme.asym_id 
_pdbx_poly_seq_scheme.entity_id 
_pdbx_poly_seq_scheme.seq_id 
_pdbx_poly_seq_scheme.mon_id 
_pdbx_poly_seq_scheme.ndb_seq_num 
_pdbx_poly_seq_scheme.pdb_seq_num 
_pdbx_poly_seq_scheme.auth_seq_num 
_pdbx_poly_seq_scheme.pdb_mon_id 
_pdbx_poly_seq_scheme.auth_mon_id 
_pdbx_poly_seq_scheme.pdb_strand_id 
_pdbx_poly_seq_scheme.pdb_ins_code 
_pdbx_poly_seq_scheme.hetero 
A 1 1  MET 1  1  1  MET MET A . n 
A 1 2  GLU 2  2  2  GLU GLU A . n 
A 1 3  ARG 3  3  3  ARG ARG A . n 
A 1 4  LEU 4  4  4  LEU LEU A . n 
A 1 5  SER 5  5  5  SER SER A . n 
A 1 6  GLU 6  6  6  GLU GLU A . n 
A 1 7  ASP 7  7  7  ASP ASP A . n 
A 1 8  ASP 8  8  8  ASP ASP A . n 
A 1 9  PRO 9  9  9  PRO PRO A . n 
A 1 10 ALA 10 10 10 ALA ALA A . n 
A 1 11 ALA 11 11 11 ALA ALA A . n 
A 1 12 GLN 12 12 12 GLN GLN A . n 
A 1 13 ALA 13 13 13 ALA ALA A . n 
A 1 14 LEU 14 14 14 LEU LEU A . n 
A 1 15 GLU 15 15 15 GLU GLU A . n 
A 1 16 TYR 16 16 16 TYR TYR A . n 
A 1 17 ARG 17 17 17 ARG ARG A . n 
A 1 18 HIS 18 18 18 HIS HIS A . n 
A 1 19 ASP 19 19 19 ASP ASP A . n 
A 1 20 ALA 20 20 20 ALA ALA A . n 
A 1 21 SER 21 21 21 SER SER A . n 
A 1 22 SER 22 22 22 SER SER A . n 
A 1 23 VAL 23 23 23 VAL VAL A . n 
A 1 24 GLN 24 24 24 GLN GLN A . n 
A 1 25 HIS 25 25 25 HIS HIS A . n 
A 1 26 PRO 26 26 26 PRO PRO A . n 
A 1 27 ALA 27 27 27 ALA ALA A . n 
A 1 28 TYR 28 28 28 TYR TYR A . n 
A 1 29 GLU 29 29 29 GLU GLU A . n 
A 1 30 GLU 30 30 30 GLU GLU A . n 
A 1 31 GLY 31 31 31 GLY GLY A . n 
A 1 32 GLN 32 32 32 GLN GLN A . n 
A 1 33 THR 33 33 33 THR THR A . n 
A 1 34 CYS 34 34 34 CYS CYS A . n 
A 1 35 LEU 35 35 35 LEU LEU A . n 
A 1 36 ASN 36 36 36 ASN ASN A . n 
A 1 37 CYS 37 37 37 CYS CYS A . n 
A 1 38 LEU 38 38 38 LEU LEU A . n 
A 1 39 LEU 39 39 39 LEU LEU A . n 
A 1 40 TYR 40 40 40 TYR TYR A . n 
A 1 41 THR 41 41 41 THR THR A . n 
A 1 42 ASP 42 42 42 ASP ASP A . n 
A 1 43 ALA 43 43 43 ALA ALA A . n 
A 1 44 SER 44 44 44 SER SER A . n 
A 1 45 ALA 45 45 45 ALA ALA A . n 
A 1 46 GLN 46 46 46 GLN GLN A . n 
A 1 47 ASP 47 47 47 ASP ASP A . n 
A 1 48 TRP 48 48 48 TRP TRP A . n 
A 1 49 GLY 49 49 49 GLY GLY A . n 
A 1 50 PRO 50 50 50 PRO PRO A . n 
A 1 51 CYS 51 51 51 CYS CYS A . n 
A 1 52 SER 52 52 52 SER SER A . n 
A 1 53 VAL 53 53 53 VAL VAL A . n 
A 1 54 PHE 54 54 54 PHE PHE A . n 
A 1 55 PRO 55 55 55 PRO PRO A . n 
A 1 56 GLY 56 56 56 GLY GLY A . n 
A 1 57 LYS 57 57 57 LYS LYS A . n 
A 1 58 LEU 58 58 58 LEU LEU A . n 
A 1 59 VAL 59 59 59 VAL VAL A . n 
A 1 60 SER 60 60 60 SER SER A . n 
A 1 61 ALA 61 61 61 ALA ALA A . n 
A 1 62 ASN 62 62 62 ASN ASN A . n 
A 1 63 GLY 63 63 63 GLY GLY A . n 
A 1 64 TRP 64 64 64 TRP TRP A . n 
A 1 65 CYS 65 65 65 CYS CYS A . n 
A 1 66 THR 66 66 66 THR THR A . n 
A 1 67 ALA 67 67 67 ALA ALA A . n 
A 1 68 TRP 68 68 68 TRP TRP A . n 
A 1 69 VAL 69 69 69 VAL VAL A . n 
A 1 70 ALA 70 70 70 ALA ALA A . n 
A 1 71 ARG 71 71 71 ARG ARG A . n 
# 
loop_
_pdbx_nonpoly_scheme.asym_id 
_pdbx_nonpoly_scheme.entity_id 
_pdbx_nonpoly_scheme.mon_id 
_pdbx_nonpoly_scheme.ndb_seq_num 
_pdbx_nonpoly_scheme.pdb_seq_num 
_pdbx_nonpoly_scheme.auth_seq_num 
_pdbx_nonpoly_scheme.pdb_mon_id 
_pdbx_nonpoly_scheme.auth_mon_id 
_pdbx_nonpoly_scheme.pdb_strand_id 
_pdbx_nonpoly_scheme.pdb_ins_code 
B 2 SF4 1  80  80 SF4 FS4 A . 
C 3 HOH 1  81  1  HOH HOH A . 
C 3 HOH 2  82  2  HOH HOH A . 
C 3 HOH 3  83  3  HOH HOH A . 
C 3 HOH 4  84  4  HOH HOH A . 
C 3 HOH 5  85  5  HOH HOH A . 
C 3 HOH 6  86  6  HOH HOH A . 
C 3 HOH 7  87  7  HOH HOH A . 
C 3 HOH 8  88  8  HOH HOH A . 
C 3 HOH 9  89  9  HOH HOH A . 
C 3 HOH 10 90  10 HOH HOH A . 
C 3 HOH 11 91  11 HOH HOH A . 
C 3 HOH 12 92  12 HOH HOH A . 
C 3 HOH 13 93  13 HOH HOH A . 
C 3 HOH 14 94  14 HOH HOH A . 
C 3 HOH 15 95  15 HOH HOH A . 
C 3 HOH 16 96  16 HOH HOH A . 
C 3 HOH 17 97  17 HOH HOH A . 
C 3 HOH 18 98  18 HOH HOH A . 
C 3 HOH 19 99  19 HOH HOH A . 
C 3 HOH 20 100 20 HOH HOH A . 
C 3 HOH 21 101 21 HOH HOH A . 
C 3 HOH 22 102 22 HOH HOH A . 
C 3 HOH 23 103 23 HOH HOH A . 
C 3 HOH 24 104 24 HOH HOH A . 
C 3 HOH 25 105 25 HOH HOH A . 
C 3 HOH 26 106 26 HOH HOH A . 
C 3 HOH 27 107 27 HOH HOH A . 
C 3 HOH 28 108 28 HOH HOH A . 
C 3 HOH 29 109 29 HOH HOH A . 
C 3 HOH 30 110 30 HOH HOH A . 
C 3 HOH 31 111 31 HOH HOH A . 
C 3 HOH 32 112 32 HOH HOH A . 
C 3 HOH 33 113 33 HOH HOH A . 
C 3 HOH 34 114 34 HOH HOH A . 
C 3 HOH 35 115 35 HOH HOH A . 
C 3 HOH 36 116 36 HOH HOH A . 
C 3 HOH 37 117 37 HOH HOH A . 
C 3 HOH 38 118 38 HOH HOH A . 
C 3 HOH 39 119 39 HOH HOH A . 
C 3 HOH 40 120 40 HOH HOH A . 
C 3 HOH 41 121 41 HOH HOH A . 
C 3 HOH 42 122 42 HOH HOH A . 
C 3 HOH 43 123 43 HOH HOH A . 
C 3 HOH 44 124 44 HOH HOH A . 
C 3 HOH 45 125 45 HOH HOH A . 
C 3 HOH 46 126 46 HOH HOH A . 
C 3 HOH 47 127 47 HOH HOH A . 
C 3 HOH 48 128 48 HOH HOH A . 
C 3 HOH 49 129 49 HOH HOH A . 
C 3 HOH 50 130 50 HOH HOH A . 
C 3 HOH 51 131 51 HOH HOH A . 
C 3 HOH 52 132 52 HOH HOH A . 
C 3 HOH 53 133 53 HOH HOH A . 
C 3 HOH 54 134 54 HOH HOH A . 
C 3 HOH 55 135 55 HOH HOH A . 
C 3 HOH 56 136 56 HOH HOH A . 
C 3 HOH 57 137 57 HOH HOH A . 
# 
_software.name             TNT 
_software.classification   refinement 
_software.version          . 
_software.citation_id      ? 
_software.pdbx_ordinal     1 
# 
_cell.entry_id           1HPI 
_cell.length_a           58.400 
_cell.length_b           64.700 
_cell.length_c           39.300 
_cell.angle_alpha        90.00 
_cell.angle_beta         90.00 
_cell.angle_gamma        90.00 
_cell.Z_PDB              8 
_cell.pdbx_unique_axis   ? 
# 
_symmetry.entry_id                         1HPI 
_symmetry.space_group_name_H-M             'C 2 2 21' 
_symmetry.pdbx_full_space_group_name_H-M   ? 
_symmetry.cell_setting                     ? 
_symmetry.Int_Tables_number                20 
# 
_exptl.entry_id          1HPI 
_exptl.method            'X-RAY DIFFRACTION' 
_exptl.crystals_number   ? 
# 
_exptl_crystal.id                    1 
_exptl_crystal.density_meas          ? 
_exptl_crystal.density_Matthews      2.37 
_exptl_crystal.density_percent_sol   48.12 
_exptl_crystal.description           ? 
# 
_diffrn.id                     1 
_diffrn.ambient_temp           ? 
_diffrn.ambient_temp_details   ? 
_diffrn.crystal_id             1 
# 
_diffrn_radiation.diffrn_id                        1 
_diffrn_radiation.wavelength_id                    1 
_diffrn_radiation.pdbx_monochromatic_or_laue_m_l   ? 
_diffrn_radiation.monochromator                    ? 
_diffrn_radiation.pdbx_diffrn_protocol             ? 
_diffrn_radiation.pdbx_scattering_type             x-ray 
# 
_diffrn_radiation_wavelength.id           1 
_diffrn_radiation_wavelength.wavelength   . 
_diffrn_radiation_wavelength.wt           1.0 
# 
_refine.entry_id                                 1HPI 
_refine.ls_number_reflns_obs                     ? 
_refine.ls_number_reflns_all                     ? 
_refine.pdbx_ls_sigma_I                          ? 
_refine.pdbx_ls_sigma_F                          ? 
_refine.pdbx_data_cutoff_high_absF               ? 
_refine.pdbx_data_cutoff_low_absF                ? 
_refine.pdbx_data_cutoff_high_rms_absF           ? 
_refine.ls_d_res_low                             ? 
_refine.ls_d_res_high                            1.8 
_refine.ls_percent_reflns_obs                    ? 
_refine.ls_R_factor_obs                          0.163 
_refine.ls_R_factor_all                          ? 
_refine.ls_R_factor_R_work                       ? 
_refine.ls_R_factor_R_free                       ? 
_refine.ls_R_factor_R_free_error                 ? 
_refine.ls_R_factor_R_free_error_details         ? 
_refine.ls_percent_reflns_R_free                 ? 
_refine.ls_number_reflns_R_free                  ? 
_refine.ls_number_parameters                     ? 
_refine.ls_number_restraints                     ? 
_refine.occupancy_min                            ? 
_refine.occupancy_max                            ? 
_refine.B_iso_mean                               ? 
_refine.aniso_B[1][1]                            ? 
_refine.aniso_B[2][2]                            ? 
_refine.aniso_B[3][3]                            ? 
_refine.aniso_B[1][2]                            ? 
_refine.aniso_B[1][3]                            ? 
_refine.aniso_B[2][3]                            ? 
_refine.solvent_model_details                    ? 
_refine.solvent_model_param_ksol                 ? 
_refine.solvent_model_param_bsol                 ? 
_refine.pdbx_ls_cross_valid_method               ? 
_refine.details                                  ? 
_refine.pdbx_starting_model                      ? 
_refine.pdbx_method_to_determine_struct          ? 
_refine.pdbx_isotropic_thermal_model             ? 
_refine.pdbx_stereochemistry_target_values       ? 
_refine.pdbx_stereochem_target_val_spec_case     ? 
_refine.pdbx_R_Free_selection_details            ? 
_refine.pdbx_overall_ESU_R                       ? 
_refine.pdbx_overall_ESU_R_Free                  ? 
_refine.overall_SU_ML                            ? 
_refine.overall_SU_B                             ? 
_refine.pdbx_refine_id                           'X-RAY DIFFRACTION' 
_refine.pdbx_diffrn_id                           1 
_refine.pdbx_TLS_residual_ADP_flag               ? 
_refine.correlation_coeff_Fo_to_Fc               ? 
_refine.correlation_coeff_Fo_to_Fc_free          ? 
_refine.pdbx_solvent_vdw_probe_radii             ? 
_refine.pdbx_solvent_ion_probe_radii             ? 
_refine.pdbx_solvent_shrinkage_radii             ? 
_refine.pdbx_overall_phase_error                 ? 
_refine.overall_SU_R_Cruickshank_DPI             ? 
_refine.pdbx_overall_SU_R_free_Cruickshank_DPI   ? 
_refine.pdbx_overall_SU_R_Blow_DPI               ? 
_refine.pdbx_overall_SU_R_free_Blow_DPI          ? 
# 
_refine_hist.pdbx_refine_id                   'X-RAY DIFFRACTION' 
_refine_hist.cycle_id                         LAST 
_refine_hist.pdbx_number_atoms_protein        548 
_refine_hist.pdbx_number_atoms_nucleic_acid   0 
_refine_hist.pdbx_number_atoms_ligand         8 
_refine_hist.number_atoms_solvent             57 
_refine_hist.number_atoms_total               613 
_refine_hist.d_res_high                       1.8 
_refine_hist.d_res_low                        . 
# 
loop_
_refine_ls_restr.type 
_refine_ls_restr.dev_ideal 
_refine_ls_restr.dev_ideal_target 
_refine_ls_restr.weight 
_refine_ls_restr.number 
_refine_ls_restr.pdbx_refine_id 
_refine_ls_restr.pdbx_restraint_function 
t_bond_d           0.007 ? ? ? 'X-RAY DIFFRACTION' ? 
t_angle_deg        2.2   ? ? ? 'X-RAY DIFFRACTION' ? 
t_dihedral_angle_d ?     ? ? ? 'X-RAY DIFFRACTION' ? 
t_incorr_chiral_ct ?     ? ? ? 'X-RAY DIFFRACTION' ? 
t_pseud_angle      ?     ? ? ? 'X-RAY DIFFRACTION' ? 
t_trig_c_planes    ?     ? ? ? 'X-RAY DIFFRACTION' ? 
t_gen_planes       ?     ? ? ? 'X-RAY DIFFRACTION' ? 
t_it               ?     ? ? ? 'X-RAY DIFFRACTION' ? 
t_nbd              ?     ? ? ? 'X-RAY DIFFRACTION' ? 
# 
_struct.entry_id                  1HPI 
_struct.title                     
'MOLECULAR STRUCTURE OF THE OXIDIZED HIGH-POTENTIAL IRON-SULFUR PROTEIN ISOLATED FROM ECTOTHIORHODOSPIRA VACUOLATA' 
_struct.pdbx_model_details        ? 
_struct.pdbx_CASP_flag            ? 
_struct.pdbx_model_type_details   ? 
# 
_struct_keywords.entry_id        1HPI 
_struct_keywords.pdbx_keywords   'ELECTRON TRANSFER(IRON-SULFUR PROTEIN)' 
_struct_keywords.text            'ELECTRON TRANSFER(IRON-SULFUR PROTEIN)' 
# 
loop_
_struct_asym.id 
_struct_asym.pdbx_blank_PDB_chainid_flag 
_struct_asym.pdbx_modified 
_struct_asym.entity_id 
_struct_asym.details 
A N N 1 ? 
B N N 2 ? 
C N N 3 ? 
# 
_struct_ref.id                         1 
_struct_ref.db_name                    UNP 
_struct_ref.db_code                    HIP2_ECTVA 
_struct_ref.entity_id                  1 
_struct_ref.pdbx_db_accession          P38524 
_struct_ref.pdbx_align_begin           1 
_struct_ref.pdbx_seq_one_letter_code   MERLSEDDPAAQALEYRHDASSVQHPAYEEGQTCLNCLLYTDASAQDWGPCSVFPGKLVSANGWCTAWVAR 
_struct_ref.pdbx_db_isoform            ? 
# 
_struct_ref_seq.align_id                      1 
_struct_ref_seq.ref_id                        1 
_struct_ref_seq.pdbx_PDB_id_code              1HPI 
_struct_ref_seq.pdbx_strand_id                A 
_struct_ref_seq.seq_align_beg                 1 
_struct_ref_seq.pdbx_seq_align_beg_ins_code   ? 
_struct_ref_seq.seq_align_end                 71 
_struct_ref_seq.pdbx_seq_align_end_ins_code   ? 
_struct_ref_seq.pdbx_db_accession             P38524 
_struct_ref_seq.db_align_beg                  1 
_struct_ref_seq.pdbx_db_align_beg_ins_code    ? 
_struct_ref_seq.db_align_end                  71 
_struct_ref_seq.pdbx_db_align_end_ins_code    ? 
_struct_ref_seq.pdbx_auth_seq_align_beg       1 
_struct_ref_seq.pdbx_auth_seq_align_end       71 
# 
_pdbx_struct_assembly.id                   1 
_pdbx_struct_assembly.details              author_defined_assembly 
_pdbx_struct_assembly.method_details       ? 
_pdbx_struct_assembly.oligomeric_details   monomeric 
_pdbx_struct_assembly.oligomeric_count     1 
# 
_pdbx_struct_assembly_gen.assembly_id       1 
_pdbx_struct_assembly_gen.oper_expression   1 
_pdbx_struct_assembly_gen.asym_id_list      A,B,C 
# 
_pdbx_struct_oper_list.id                   1 
_pdbx_struct_oper_list.type                 'identity operation' 
_pdbx_struct_oper_list.name                 1_555 
_pdbx_struct_oper_list.symmetry_operation   x,y,z 
_pdbx_struct_oper_list.matrix[1][1]         1.0000000000 
_pdbx_struct_oper_list.matrix[1][2]         0.0000000000 
_pdbx_struct_oper_list.matrix[1][3]         0.0000000000 
_pdbx_struct_oper_list.vector[1]            0.0000000000 
_pdbx_struct_oper_list.matrix[2][1]         0.0000000000 
_pdbx_struct_oper_list.matrix[2][2]         1.0000000000 
_pdbx_struct_oper_list.matrix[2][3]         0.0000000000 
_pdbx_struct_oper_list.vector[2]            0.0000000000 
_pdbx_struct_oper_list.matrix[3][1]         0.0000000000 
_pdbx_struct_oper_list.matrix[3][2]         0.0000000000 
_pdbx_struct_oper_list.matrix[3][3]         1.0000000000 
_pdbx_struct_oper_list.vector[3]            0.0000000000 
# 
_struct_biol.id   1 
# 
_struct_conf.conf_type_id            HELX_P 
_struct_conf.id                      HELX_P1 
_struct_conf.pdbx_PDB_helix_id       H1 
_struct_conf.beg_label_comp_id       PRO 
_struct_conf.beg_label_asym_id       A 
_struct_conf.beg_label_seq_id        9 
_struct_conf.pdbx_beg_PDB_ins_code   ? 
_struct_conf.end_label_comp_id       ALA 
_struct_conf.end_label_asym_id       A 
_struct_conf.end_label_seq_id        13 
_struct_conf.pdbx_end_PDB_ins_code   ? 
_struct_conf.beg_auth_comp_id        PRO 
_struct_conf.beg_auth_asym_id        A 
_struct_conf.beg_auth_seq_id         9 
_struct_conf.end_auth_comp_id        ALA 
_struct_conf.end_auth_asym_id        A 
_struct_conf.end_auth_seq_id         13 
_struct_conf.pdbx_PDB_helix_class    1 
_struct_conf.details                 ? 
_struct_conf.pdbx_PDB_helix_length   5 
# 
_struct_conf_type.id          HELX_P 
_struct_conf_type.criteria    ? 
_struct_conf_type.reference   ? 
# 
loop_
_struct_conn.id 
_struct_conn.conn_type_id 
_struct_conn.pdbx_leaving_atom_flag 
_struct_conn.pdbx_PDB_id 
_struct_conn.ptnr1_label_asym_id 
_struct_conn.ptnr1_label_comp_id 
_struct_conn.ptnr1_label_seq_id 
_struct_conn.ptnr1_label_atom_id 
_struct_conn.pdbx_ptnr1_label_alt_id 
_struct_conn.pdbx_ptnr1_PDB_ins_code 
_struct_conn.pdbx_ptnr1_standard_comp_id 
_struct_conn.ptnr1_symmetry 
_struct_conn.ptnr2_label_asym_id 
_struct_conn.ptnr2_label_comp_id 
_struct_conn.ptnr2_label_seq_id 
_struct_conn.ptnr2_label_atom_id 
_struct_conn.pdbx_ptnr2_label_alt_id 
_struct_conn.pdbx_ptnr2_PDB_ins_code 
_struct_conn.ptnr1_auth_asym_id 
_struct_conn.ptnr1_auth_comp_id 
_struct_conn.ptnr1_auth_seq_id 
_struct_conn.ptnr2_auth_asym_id 
_struct_conn.ptnr2_auth_comp_id 
_struct_conn.ptnr2_auth_seq_id 
_struct_conn.ptnr2_symmetry 
_struct_conn.pdbx_ptnr3_label_atom_id 
_struct_conn.pdbx_ptnr3_label_seq_id 
_struct_conn.pdbx_ptnr3_label_comp_id 
_struct_conn.pdbx_ptnr3_label_asym_id 
_struct_conn.pdbx_ptnr3_label_alt_id 
_struct_conn.pdbx_ptnr3_PDB_ins_code 
_struct_conn.details 
_struct_conn.pdbx_dist_value 
_struct_conn.pdbx_value_order 
_struct_conn.pdbx_role 
metalc1 metalc ? ? A CYS 34 SG ? ? ? 1_555 B SF4 . FE1 ? ? A CYS 34 A SF4 80 1_555 ? ? ? ? ? ? ? 2.243 ? ? 
metalc2 metalc ? ? A CYS 37 SG ? ? ? 1_555 B SF4 . FE2 ? ? A CYS 37 A SF4 80 1_555 ? ? ? ? ? ? ? 2.220 ? ? 
metalc3 metalc ? ? A CYS 51 SG ? ? ? 1_555 B SF4 . FE3 ? ? A CYS 51 A SF4 80 1_555 ? ? ? ? ? ? ? 2.213 ? ? 
metalc4 metalc ? ? A CYS 65 SG ? ? ? 1_555 B SF4 . FE4 ? ? A CYS 65 A SF4 80 1_555 ? ? ? ? ? ? ? 2.220 ? ? 
# 
_struct_conn_type.id          metalc 
_struct_conn_type.criteria    ? 
_struct_conn_type.reference   ? 
# 
loop_
_pdbx_struct_conn_angle.id 
_pdbx_struct_conn_angle.ptnr1_label_atom_id 
_pdbx_struct_conn_angle.ptnr1_label_alt_id 
_pdbx_struct_conn_angle.ptnr1_label_asym_id 
_pdbx_struct_conn_angle.ptnr1_label_comp_id 
_pdbx_struct_conn_angle.ptnr1_label_seq_id 
_pdbx_struct_conn_angle.ptnr1_auth_atom_id 
_pdbx_struct_conn_angle.ptnr1_auth_asym_id 
_pdbx_struct_conn_angle.ptnr1_auth_comp_id 
_pdbx_struct_conn_angle.ptnr1_auth_seq_id 
_pdbx_struct_conn_angle.ptnr1_PDB_ins_code 
_pdbx_struct_conn_angle.ptnr1_symmetry 
_pdbx_struct_conn_angle.ptnr2_label_atom_id 
_pdbx_struct_conn_angle.ptnr2_label_alt_id 
_pdbx_struct_conn_angle.ptnr2_label_asym_id 
_pdbx_struct_conn_angle.ptnr2_label_comp_id 
_pdbx_struct_conn_angle.ptnr2_label_seq_id 
_pdbx_struct_conn_angle.ptnr2_auth_atom_id 
_pdbx_struct_conn_angle.ptnr2_auth_asym_id 
_pdbx_struct_conn_angle.ptnr2_auth_comp_id 
_pdbx_struct_conn_angle.ptnr2_auth_seq_id 
_pdbx_struct_conn_angle.ptnr2_PDB_ins_code 
_pdbx_struct_conn_angle.ptnr2_symmetry 
_pdbx_struct_conn_angle.ptnr3_label_atom_id 
_pdbx_struct_conn_angle.ptnr3_label_alt_id 
_pdbx_struct_conn_angle.ptnr3_label_asym_id 
_pdbx_struct_conn_angle.ptnr3_label_comp_id 
_pdbx_struct_conn_angle.ptnr3_label_seq_id 
_pdbx_struct_conn_angle.ptnr3_auth_atom_id 
_pdbx_struct_conn_angle.ptnr3_auth_asym_id 
_pdbx_struct_conn_angle.ptnr3_auth_comp_id 
_pdbx_struct_conn_angle.ptnr3_auth_seq_id 
_pdbx_struct_conn_angle.ptnr3_PDB_ins_code 
_pdbx_struct_conn_angle.ptnr3_symmetry 
_pdbx_struct_conn_angle.value 
_pdbx_struct_conn_angle.value_esd 
1  SG ? A CYS 34 ? A CYS 34 ? 1_555 FE1 ? B SF4 . ? A SF4 80 ? 1_555 S2 ? B SF4 . ? A SF4 80 ? 1_555 111.8 ? 
2  SG ? A CYS 34 ? A CYS 34 ? 1_555 FE1 ? B SF4 . ? A SF4 80 ? 1_555 S3 ? B SF4 . ? A SF4 80 ? 1_555 117.6 ? 
3  S2 ? B SF4 .  ? A SF4 80 ? 1_555 FE1 ? B SF4 . ? A SF4 80 ? 1_555 S3 ? B SF4 . ? A SF4 80 ? 1_555 104.5 ? 
4  SG ? A CYS 34 ? A CYS 34 ? 1_555 FE1 ? B SF4 . ? A SF4 80 ? 1_555 S4 ? B SF4 . ? A SF4 80 ? 1_555 112.6 ? 
5  S2 ? B SF4 .  ? A SF4 80 ? 1_555 FE1 ? B SF4 . ? A SF4 80 ? 1_555 S4 ? B SF4 . ? A SF4 80 ? 1_555 105.6 ? 
6  S3 ? B SF4 .  ? A SF4 80 ? 1_555 FE1 ? B SF4 . ? A SF4 80 ? 1_555 S4 ? B SF4 . ? A SF4 80 ? 1_555 103.7 ? 
7  SG ? A CYS 37 ? A CYS 37 ? 1_555 FE2 ? B SF4 . ? A SF4 80 ? 1_555 S1 ? B SF4 . ? A SF4 80 ? 1_555 117.0 ? 
8  SG ? A CYS 37 ? A CYS 37 ? 1_555 FE2 ? B SF4 . ? A SF4 80 ? 1_555 S3 ? B SF4 . ? A SF4 80 ? 1_555 118.2 ? 
9  S1 ? B SF4 .  ? A SF4 80 ? 1_555 FE2 ? B SF4 . ? A SF4 80 ? 1_555 S3 ? B SF4 . ? A SF4 80 ? 1_555 101.9 ? 
10 SG ? A CYS 37 ? A CYS 37 ? 1_555 FE2 ? B SF4 . ? A SF4 80 ? 1_555 S4 ? B SF4 . ? A SF4 80 ? 1_555 110.9 ? 
11 S1 ? B SF4 .  ? A SF4 80 ? 1_555 FE2 ? B SF4 . ? A SF4 80 ? 1_555 S4 ? B SF4 . ? A SF4 80 ? 1_555 104.6 ? 
12 S3 ? B SF4 .  ? A SF4 80 ? 1_555 FE2 ? B SF4 . ? A SF4 80 ? 1_555 S4 ? B SF4 . ? A SF4 80 ? 1_555 102.6 ? 
13 SG ? A CYS 51 ? A CYS 51 ? 1_555 FE3 ? B SF4 . ? A SF4 80 ? 1_555 S1 ? B SF4 . ? A SF4 80 ? 1_555 106.7 ? 
14 SG ? A CYS 51 ? A CYS 51 ? 1_555 FE3 ? B SF4 . ? A SF4 80 ? 1_555 S2 ? B SF4 . ? A SF4 80 ? 1_555 121.5 ? 
15 S1 ? B SF4 .  ? A SF4 80 ? 1_555 FE3 ? B SF4 . ? A SF4 80 ? 1_555 S2 ? B SF4 . ? A SF4 80 ? 1_555 103.3 ? 
16 SG ? A CYS 51 ? A CYS 51 ? 1_555 FE3 ? B SF4 . ? A SF4 80 ? 1_555 S4 ? B SF4 . ? A SF4 80 ? 1_555 117.7 ? 
17 S1 ? B SF4 .  ? A SF4 80 ? 1_555 FE3 ? B SF4 . ? A SF4 80 ? 1_555 S4 ? B SF4 . ? A SF4 80 ? 1_555 103.3 ? 
18 S2 ? B SF4 .  ? A SF4 80 ? 1_555 FE3 ? B SF4 . ? A SF4 80 ? 1_555 S4 ? B SF4 . ? A SF4 80 ? 1_555 102.1 ? 
19 SG ? A CYS 65 ? A CYS 65 ? 1_555 FE4 ? B SF4 . ? A SF4 80 ? 1_555 S1 ? B SF4 . ? A SF4 80 ? 1_555 105.5 ? 
20 SG ? A CYS 65 ? A CYS 65 ? 1_555 FE4 ? B SF4 . ? A SF4 80 ? 1_555 S2 ? B SF4 . ? A SF4 80 ? 1_555 109.5 ? 
21 S1 ? B SF4 .  ? A SF4 80 ? 1_555 FE4 ? B SF4 . ? A SF4 80 ? 1_555 S2 ? B SF4 . ? A SF4 80 ? 1_555 105.1 ? 
22 SG ? A CYS 65 ? A CYS 65 ? 1_555 FE4 ? B SF4 . ? A SF4 80 ? 1_555 S3 ? B SF4 . ? A SF4 80 ? 1_555 127.5 ? 
23 S1 ? B SF4 .  ? A SF4 80 ? 1_555 FE4 ? B SF4 . ? A SF4 80 ? 1_555 S3 ? B SF4 . ? A SF4 80 ? 1_555 101.3 ? 
24 S2 ? B SF4 .  ? A SF4 80 ? 1_555 FE4 ? B SF4 . ? A SF4 80 ? 1_555 S3 ? B SF4 . ? A SF4 80 ? 1_555 105.7 ? 
# 
_struct_sheet.id               A 
_struct_sheet.type             ? 
_struct_sheet.number_strands   3 
_struct_sheet.details          ? 
# 
loop_
_struct_sheet_order.sheet_id 
_struct_sheet_order.range_id_1 
_struct_sheet_order.range_id_2 
_struct_sheet_order.offset 
_struct_sheet_order.sense 
A 1 2 ? parallel      
A 2 3 ? anti-parallel 
# 
loop_
_struct_sheet_range.sheet_id 
_struct_sheet_range.id 
_struct_sheet_range.beg_label_comp_id 
_struct_sheet_range.beg_label_asym_id 
_struct_sheet_range.beg_label_seq_id 
_struct_sheet_range.pdbx_beg_PDB_ins_code 
_struct_sheet_range.end_label_comp_id 
_struct_sheet_range.end_label_asym_id 
_struct_sheet_range.end_label_seq_id 
_struct_sheet_range.pdbx_end_PDB_ins_code 
_struct_sheet_range.beg_auth_comp_id 
_struct_sheet_range.beg_auth_asym_id 
_struct_sheet_range.beg_auth_seq_id 
_struct_sheet_range.end_auth_comp_id 
_struct_sheet_range.end_auth_asym_id 
_struct_sheet_range.end_auth_seq_id 
A 1 GLU A 2  ? ARG A 3  ? GLU A 2  ARG A 3  
A 2 LYS A 57 ? SER A 60 ? LYS A 57 SER A 60 
A 3 TRP A 48 ? PRO A 50 ? TRP A 48 PRO A 50 
# 
loop_
_pdbx_struct_sheet_hbond.sheet_id 
_pdbx_struct_sheet_hbond.range_id_1 
_pdbx_struct_sheet_hbond.range_id_2 
_pdbx_struct_sheet_hbond.range_1_label_atom_id 
_pdbx_struct_sheet_hbond.range_1_label_comp_id 
_pdbx_struct_sheet_hbond.range_1_label_asym_id 
_pdbx_struct_sheet_hbond.range_1_label_seq_id 
_pdbx_struct_sheet_hbond.range_1_PDB_ins_code 
_pdbx_struct_sheet_hbond.range_1_auth_atom_id 
_pdbx_struct_sheet_hbond.range_1_auth_comp_id 
_pdbx_struct_sheet_hbond.range_1_auth_asym_id 
_pdbx_struct_sheet_hbond.range_1_auth_seq_id 
_pdbx_struct_sheet_hbond.range_2_label_atom_id 
_pdbx_struct_sheet_hbond.range_2_label_comp_id 
_pdbx_struct_sheet_hbond.range_2_label_asym_id 
_pdbx_struct_sheet_hbond.range_2_label_seq_id 
_pdbx_struct_sheet_hbond.range_2_PDB_ins_code 
_pdbx_struct_sheet_hbond.range_2_auth_atom_id 
_pdbx_struct_sheet_hbond.range_2_auth_comp_id 
_pdbx_struct_sheet_hbond.range_2_auth_asym_id 
_pdbx_struct_sheet_hbond.range_2_auth_seq_id 
A 1 2 O GLU A 2  ? O GLU A 2  N LEU A 58 ? N LEU A 58 
A 2 3 N VAL A 59 ? N VAL A 59 O GLY A 49 ? O GLY A 49 
# 
_struct_site.id                   AC1 
_struct_site.pdbx_evidence_code   Software 
_struct_site.pdbx_auth_asym_id    A 
_struct_site.pdbx_auth_comp_id    SF4 
_struct_site.pdbx_auth_seq_id     80 
_struct_site.pdbx_auth_ins_code   ? 
_struct_site.pdbx_num_residues    6 
_struct_site.details              'BINDING SITE FOR RESIDUE SF4 A 80' 
# 
loop_
_struct_site_gen.id 
_struct_site_gen.site_id 
_struct_site_gen.pdbx_num_res 
_struct_site_gen.label_comp_id 
_struct_site_gen.label_asym_id 
_struct_site_gen.label_seq_id 
_struct_site_gen.pdbx_auth_ins_code 
_struct_site_gen.auth_comp_id 
_struct_site_gen.auth_asym_id 
_struct_site_gen.auth_seq_id 
_struct_site_gen.label_atom_id 
_struct_site_gen.label_alt_id 
_struct_site_gen.symmetry 
_struct_site_gen.details 
1 AC1 6 CYS A 34 ? CYS A 34 . ? 1_555 ? 
2 AC1 6 CYS A 37 ? CYS A 37 . ? 1_555 ? 
3 AC1 6 TYR A 40 ? TYR A 40 . ? 1_555 ? 
4 AC1 6 CYS A 51 ? CYS A 51 . ? 1_555 ? 
5 AC1 6 VAL A 53 ? VAL A 53 . ? 1_555 ? 
6 AC1 6 CYS A 65 ? CYS A 65 . ? 1_555 ? 
# 
_pdbx_validate_rmsd_angle.id                         1 
_pdbx_validate_rmsd_angle.PDB_model_num              1 
_pdbx_validate_rmsd_angle.auth_atom_id_1             CB 
_pdbx_validate_rmsd_angle.auth_asym_id_1             A 
_pdbx_validate_rmsd_angle.auth_comp_id_1             LYS 
_pdbx_validate_rmsd_angle.auth_seq_id_1              57 
_pdbx_validate_rmsd_angle.PDB_ins_code_1             ? 
_pdbx_validate_rmsd_angle.label_alt_id_1             ? 
_pdbx_validate_rmsd_angle.auth_atom_id_2             CA 
_pdbx_validate_rmsd_angle.auth_asym_id_2             A 
_pdbx_validate_rmsd_angle.auth_comp_id_2             LYS 
_pdbx_validate_rmsd_angle.auth_seq_id_2              57 
_pdbx_validate_rmsd_angle.PDB_ins_code_2             ? 
_pdbx_validate_rmsd_angle.label_alt_id_2             ? 
_pdbx_validate_rmsd_angle.auth_atom_id_3             C 
_pdbx_validate_rmsd_angle.auth_asym_id_3             A 
_pdbx_validate_rmsd_angle.auth_comp_id_3             LYS 
_pdbx_validate_rmsd_angle.auth_seq_id_3              57 
_pdbx_validate_rmsd_angle.PDB_ins_code_3             ? 
_pdbx_validate_rmsd_angle.label_alt_id_3             ? 
_pdbx_validate_rmsd_angle.angle_value                95.15 
_pdbx_validate_rmsd_angle.angle_target_value         110.40 
_pdbx_validate_rmsd_angle.angle_deviation            -15.25 
_pdbx_validate_rmsd_angle.angle_standard_deviation   2.00 
_pdbx_validate_rmsd_angle.linker_flag                N 
# 
loop_
_chem_comp_atom.comp_id 
_chem_comp_atom.atom_id 
_chem_comp_atom.type_symbol 
_chem_comp_atom.pdbx_aromatic_flag 
_chem_comp_atom.pdbx_stereo_config 
_chem_comp_atom.pdbx_ordinal 
ALA N    N  N N 1   
ALA CA   C  N S 2   
ALA C    C  N N 3   
ALA O    O  N N 4   
ALA CB   C  N N 5   
ALA OXT  O  N N 6   
ALA H    H  N N 7   
ALA H2   H  N N 8   
ALA HA   H  N N 9   
ALA HB1  H  N N 10  
ALA HB2  H  N N 11  
ALA HB3  H  N N 12  
ALA HXT  H  N N 13  
ARG N    N  N N 14  
ARG CA   C  N S 15  
ARG C    C  N N 16  
ARG O    O  N N 17  
ARG CB   C  N N 18  
ARG CG   C  N N 19  
ARG CD   C  N N 20  
ARG NE   N  N N 21  
ARG CZ   C  N N 22  
ARG NH1  N  N N 23  
ARG NH2  N  N N 24  
ARG OXT  O  N N 25  
ARG H    H  N N 26  
ARG H2   H  N N 27  
ARG HA   H  N N 28  
ARG HB2  H  N N 29  
ARG HB3  H  N N 30  
ARG HG2  H  N N 31  
ARG HG3  H  N N 32  
ARG HD2  H  N N 33  
ARG HD3  H  N N 34  
ARG HE   H  N N 35  
ARG HH11 H  N N 36  
ARG HH12 H  N N 37  
ARG HH21 H  N N 38  
ARG HH22 H  N N 39  
ARG HXT  H  N N 40  
ASN N    N  N N 41  
ASN CA   C  N S 42  
ASN C    C  N N 43  
ASN O    O  N N 44  
ASN CB   C  N N 45  
ASN CG   C  N N 46  
ASN OD1  O  N N 47  
ASN ND2  N  N N 48  
ASN OXT  O  N N 49  
ASN H    H  N N 50  
ASN H2   H  N N 51  
ASN HA   H  N N 52  
ASN HB2  H  N N 53  
ASN HB3  H  N N 54  
ASN HD21 H  N N 55  
ASN HD22 H  N N 56  
ASN HXT  H  N N 57  
ASP N    N  N N 58  
ASP CA   C  N S 59  
ASP C    C  N N 60  
ASP O    O  N N 61  
ASP CB   C  N N 62  
ASP CG   C  N N 63  
ASP OD1  O  N N 64  
ASP OD2  O  N N 65  
ASP OXT  O  N N 66  
ASP H    H  N N 67  
ASP H2   H  N N 68  
ASP HA   H  N N 69  
ASP HB2  H  N N 70  
ASP HB3  H  N N 71  
ASP HD2  H  N N 72  
ASP HXT  H  N N 73  
CYS N    N  N N 74  
CYS CA   C  N R 75  
CYS C    C  N N 76  
CYS O    O  N N 77  
CYS CB   C  N N 78  
CYS SG   S  N N 79  
CYS OXT  O  N N 80  
CYS H    H  N N 81  
CYS H2   H  N N 82  
CYS HA   H  N N 83  
CYS HB2  H  N N 84  
CYS HB3  H  N N 85  
CYS HG   H  N N 86  
CYS HXT  H  N N 87  
GLN N    N  N N 88  
GLN CA   C  N S 89  
GLN C    C  N N 90  
GLN O    O  N N 91  
GLN CB   C  N N 92  
GLN CG   C  N N 93  
GLN CD   C  N N 94  
GLN OE1  O  N N 95  
GLN NE2  N  N N 96  
GLN OXT  O  N N 97  
GLN H    H  N N 98  
GLN H2   H  N N 99  
GLN HA   H  N N 100 
GLN HB2  H  N N 101 
GLN HB3  H  N N 102 
GLN HG2  H  N N 103 
GLN HG3  H  N N 104 
GLN HE21 H  N N 105 
GLN HE22 H  N N 106 
GLN HXT  H  N N 107 
GLU N    N  N N 108 
GLU CA   C  N S 109 
GLU C    C  N N 110 
GLU O    O  N N 111 
GLU CB   C  N N 112 
GLU CG   C  N N 113 
GLU CD   C  N N 114 
GLU OE1  O  N N 115 
GLU OE2  O  N N 116 
GLU OXT  O  N N 117 
GLU H    H  N N 118 
GLU H2   H  N N 119 
GLU HA   H  N N 120 
GLU HB2  H  N N 121 
GLU HB3  H  N N 122 
GLU HG2  H  N N 123 
GLU HG3  H  N N 124 
GLU HE2  H  N N 125 
GLU HXT  H  N N 126 
GLY N    N  N N 127 
GLY CA   C  N N 128 
GLY C    C  N N 129 
GLY O    O  N N 130 
GLY OXT  O  N N 131 
GLY H    H  N N 132 
GLY H2   H  N N 133 
GLY HA2  H  N N 134 
GLY HA3  H  N N 135 
GLY HXT  H  N N 136 
HIS N    N  N N 137 
HIS CA   C  N S 138 
HIS C    C  N N 139 
HIS O    O  N N 140 
HIS CB   C  N N 141 
HIS CG   C  Y N 142 
HIS ND1  N  Y N 143 
HIS CD2  C  Y N 144 
HIS CE1  C  Y N 145 
HIS NE2  N  Y N 146 
HIS OXT  O  N N 147 
HIS H    H  N N 148 
HIS H2   H  N N 149 
HIS HA   H  N N 150 
HIS HB2  H  N N 151 
HIS HB3  H  N N 152 
HIS HD1  H  N N 153 
HIS HD2  H  N N 154 
HIS HE1  H  N N 155 
HIS HE2  H  N N 156 
HIS HXT  H  N N 157 
HOH O    O  N N 158 
HOH H1   H  N N 159 
HOH H2   H  N N 160 
LEU N    N  N N 161 
LEU CA   C  N S 162 
LEU C    C  N N 163 
LEU O    O  N N 164 
LEU CB   C  N N 165 
LEU CG   C  N N 166 
LEU CD1  C  N N 167 
LEU CD2  C  N N 168 
LEU OXT  O  N N 169 
LEU H    H  N N 170 
LEU H2   H  N N 171 
LEU HA   H  N N 172 
LEU HB2  H  N N 173 
LEU HB3  H  N N 174 
LEU HG   H  N N 175 
LEU HD11 H  N N 176 
LEU HD12 H  N N 177 
LEU HD13 H  N N 178 
LEU HD21 H  N N 179 
LEU HD22 H  N N 180 
LEU HD23 H  N N 181 
LEU HXT  H  N N 182 
LYS N    N  N N 183 
LYS CA   C  N S 184 
LYS C    C  N N 185 
LYS O    O  N N 186 
LYS CB   C  N N 187 
LYS CG   C  N N 188 
LYS CD   C  N N 189 
LYS CE   C  N N 190 
LYS NZ   N  N N 191 
LYS OXT  O  N N 192 
LYS H    H  N N 193 
LYS H2   H  N N 194 
LYS HA   H  N N 195 
LYS HB2  H  N N 196 
LYS HB3  H  N N 197 
LYS HG2  H  N N 198 
LYS HG3  H  N N 199 
LYS HD2  H  N N 200 
LYS HD3  H  N N 201 
LYS HE2  H  N N 202 
LYS HE3  H  N N 203 
LYS HZ1  H  N N 204 
LYS HZ2  H  N N 205 
LYS HZ3  H  N N 206 
LYS HXT  H  N N 207 
MET N    N  N N 208 
MET CA   C  N S 209 
MET C    C  N N 210 
MET O    O  N N 211 
MET CB   C  N N 212 
MET CG   C  N N 213 
MET SD   S  N N 214 
MET CE   C  N N 215 
MET OXT  O  N N 216 
MET H    H  N N 217 
MET H2   H  N N 218 
MET HA   H  N N 219 
MET HB2  H  N N 220 
MET HB3  H  N N 221 
MET HG2  H  N N 222 
MET HG3  H  N N 223 
MET HE1  H  N N 224 
MET HE2  H  N N 225 
MET HE3  H  N N 226 
MET HXT  H  N N 227 
PHE N    N  N N 228 
PHE CA   C  N S 229 
PHE C    C  N N 230 
PHE O    O  N N 231 
PHE CB   C  N N 232 
PHE CG   C  Y N 233 
PHE CD1  C  Y N 234 
PHE CD2  C  Y N 235 
PHE CE1  C  Y N 236 
PHE CE2  C  Y N 237 
PHE CZ   C  Y N 238 
PHE OXT  O  N N 239 
PHE H    H  N N 240 
PHE H2   H  N N 241 
PHE HA   H  N N 242 
PHE HB2  H  N N 243 
PHE HB3  H  N N 244 
PHE HD1  H  N N 245 
PHE HD2  H  N N 246 
PHE HE1  H  N N 247 
PHE HE2  H  N N 248 
PHE HZ   H  N N 249 
PHE HXT  H  N N 250 
PRO N    N  N N 251 
PRO CA   C  N S 252 
PRO C    C  N N 253 
PRO O    O  N N 254 
PRO CB   C  N N 255 
PRO CG   C  N N 256 
PRO CD   C  N N 257 
PRO OXT  O  N N 258 
PRO H    H  N N 259 
PRO HA   H  N N 260 
PRO HB2  H  N N 261 
PRO HB3  H  N N 262 
PRO HG2  H  N N 263 
PRO HG3  H  N N 264 
PRO HD2  H  N N 265 
PRO HD3  H  N N 266 
PRO HXT  H  N N 267 
SER N    N  N N 268 
SER CA   C  N S 269 
SER C    C  N N 270 
SER O    O  N N 271 
SER CB   C  N N 272 
SER OG   O  N N 273 
SER OXT  O  N N 274 
SER H    H  N N 275 
SER H2   H  N N 276 
SER HA   H  N N 277 
SER HB2  H  N N 278 
SER HB3  H  N N 279 
SER HG   H  N N 280 
SER HXT  H  N N 281 
SF4 FE1  FE N N 282 
SF4 FE2  FE N N 283 
SF4 FE3  FE N N 284 
SF4 FE4  FE N N 285 
SF4 S1   S  N N 286 
SF4 S2   S  N N 287 
SF4 S3   S  N N 288 
SF4 S4   S  N N 289 
THR N    N  N N 290 
THR CA   C  N S 291 
THR C    C  N N 292 
THR O    O  N N 293 
THR CB   C  N R 294 
THR OG1  O  N N 295 
THR CG2  C  N N 296 
THR OXT  O  N N 297 
THR H    H  N N 298 
THR H2   H  N N 299 
THR HA   H  N N 300 
THR HB   H  N N 301 
THR HG1  H  N N 302 
THR HG21 H  N N 303 
THR HG22 H  N N 304 
THR HG23 H  N N 305 
THR HXT  H  N N 306 
TRP N    N  N N 307 
TRP CA   C  N S 308 
TRP C    C  N N 309 
TRP O    O  N N 310 
TRP CB   C  N N 311 
TRP CG   C  Y N 312 
TRP CD1  C  Y N 313 
TRP CD2  C  Y N 314 
TRP NE1  N  Y N 315 
TRP CE2  C  Y N 316 
TRP CE3  C  Y N 317 
TRP CZ2  C  Y N 318 
TRP CZ3  C  Y N 319 
TRP CH2  C  Y N 320 
TRP OXT  O  N N 321 
TRP H    H  N N 322 
TRP H2   H  N N 323 
TRP HA   H  N N 324 
TRP HB2  H  N N 325 
TRP HB3  H  N N 326 
TRP HD1  H  N N 327 
TRP HE1  H  N N 328 
TRP HE3  H  N N 329 
TRP HZ2  H  N N 330 
TRP HZ3  H  N N 331 
TRP HH2  H  N N 332 
TRP HXT  H  N N 333 
TYR N    N  N N 334 
TYR CA   C  N S 335 
TYR C    C  N N 336 
TYR O    O  N N 337 
TYR CB   C  N N 338 
TYR CG   C  Y N 339 
TYR CD1  C  Y N 340 
TYR CD2  C  Y N 341 
TYR CE1  C  Y N 342 
TYR CE2  C  Y N 343 
TYR CZ   C  Y N 344 
TYR OH   O  N N 345 
TYR OXT  O  N N 346 
TYR H    H  N N 347 
TYR H2   H  N N 348 
TYR HA   H  N N 349 
TYR HB2  H  N N 350 
TYR HB3  H  N N 351 
TYR HD1  H  N N 352 
TYR HD2  H  N N 353 
TYR HE1  H  N N 354 
TYR HE2  H  N N 355 
TYR HH   H  N N 356 
TYR HXT  H  N N 357 
VAL N    N  N N 358 
VAL CA   C  N S 359 
VAL C    C  N N 360 
VAL O    O  N N 361 
VAL CB   C  N N 362 
VAL CG1  C  N N 363 
VAL CG2  C  N N 364 
VAL OXT  O  N N 365 
VAL H    H  N N 366 
VAL H2   H  N N 367 
VAL HA   H  N N 368 
VAL HB   H  N N 369 
VAL HG11 H  N N 370 
VAL HG12 H  N N 371 
VAL HG13 H  N N 372 
VAL HG21 H  N N 373 
VAL HG22 H  N N 374 
VAL HG23 H  N N 375 
VAL HXT  H  N N 376 
# 
loop_
_chem_comp_bond.comp_id 
_chem_comp_bond.atom_id_1 
_chem_comp_bond.atom_id_2 
_chem_comp_bond.value_order 
_chem_comp_bond.pdbx_aromatic_flag 
_chem_comp_bond.pdbx_stereo_config 
_chem_comp_bond.pdbx_ordinal 
ALA N   CA   sing N N 1   
ALA N   H    sing N N 2   
ALA N   H2   sing N N 3   
ALA CA  C    sing N N 4   
ALA CA  CB   sing N N 5   
ALA CA  HA   sing N N 6   
ALA C   O    doub N N 7   
ALA C   OXT  sing N N 8   
ALA CB  HB1  sing N N 9   
ALA CB  HB2  sing N N 10  
ALA CB  HB3  sing N N 11  
ALA OXT HXT  sing N N 12  
ARG N   CA   sing N N 13  
ARG N   H    sing N N 14  
ARG N   H2   sing N N 15  
ARG CA  C    sing N N 16  
ARG CA  CB   sing N N 17  
ARG CA  HA   sing N N 18  
ARG C   O    doub N N 19  
ARG C   OXT  sing N N 20  
ARG CB  CG   sing N N 21  
ARG CB  HB2  sing N N 22  
ARG CB  HB3  sing N N 23  
ARG CG  CD   sing N N 24  
ARG CG  HG2  sing N N 25  
ARG CG  HG3  sing N N 26  
ARG CD  NE   sing N N 27  
ARG CD  HD2  sing N N 28  
ARG CD  HD3  sing N N 29  
ARG NE  CZ   sing N N 30  
ARG NE  HE   sing N N 31  
ARG CZ  NH1  sing N N 32  
ARG CZ  NH2  doub N N 33  
ARG NH1 HH11 sing N N 34  
ARG NH1 HH12 sing N N 35  
ARG NH2 HH21 sing N N 36  
ARG NH2 HH22 sing N N 37  
ARG OXT HXT  sing N N 38  
ASN N   CA   sing N N 39  
ASN N   H    sing N N 40  
ASN N   H2   sing N N 41  
ASN CA  C    sing N N 42  
ASN CA  CB   sing N N 43  
ASN CA  HA   sing N N 44  
ASN C   O    doub N N 45  
ASN C   OXT  sing N N 46  
ASN CB  CG   sing N N 47  
ASN CB  HB2  sing N N 48  
ASN CB  HB3  sing N N 49  
ASN CG  OD1  doub N N 50  
ASN CG  ND2  sing N N 51  
ASN ND2 HD21 sing N N 52  
ASN ND2 HD22 sing N N 53  
ASN OXT HXT  sing N N 54  
ASP N   CA   sing N N 55  
ASP N   H    sing N N 56  
ASP N   H2   sing N N 57  
ASP CA  C    sing N N 58  
ASP CA  CB   sing N N 59  
ASP CA  HA   sing N N 60  
ASP C   O    doub N N 61  
ASP C   OXT  sing N N 62  
ASP CB  CG   sing N N 63  
ASP CB  HB2  sing N N 64  
ASP CB  HB3  sing N N 65  
ASP CG  OD1  doub N N 66  
ASP CG  OD2  sing N N 67  
ASP OD2 HD2  sing N N 68  
ASP OXT HXT  sing N N 69  
CYS N   CA   sing N N 70  
CYS N   H    sing N N 71  
CYS N   H2   sing N N 72  
CYS CA  C    sing N N 73  
CYS CA  CB   sing N N 74  
CYS CA  HA   sing N N 75  
CYS C   O    doub N N 76  
CYS C   OXT  sing N N 77  
CYS CB  SG   sing N N 78  
CYS CB  HB2  sing N N 79  
CYS CB  HB3  sing N N 80  
CYS SG  HG   sing N N 81  
CYS OXT HXT  sing N N 82  
GLN N   CA   sing N N 83  
GLN N   H    sing N N 84  
GLN N   H2   sing N N 85  
GLN CA  C    sing N N 86  
GLN CA  CB   sing N N 87  
GLN CA  HA   sing N N 88  
GLN C   O    doub N N 89  
GLN C   OXT  sing N N 90  
GLN CB  CG   sing N N 91  
GLN CB  HB2  sing N N 92  
GLN CB  HB3  sing N N 93  
GLN CG  CD   sing N N 94  
GLN CG  HG2  sing N N 95  
GLN CG  HG3  sing N N 96  
GLN CD  OE1  doub N N 97  
GLN CD  NE2  sing N N 98  
GLN NE2 HE21 sing N N 99  
GLN NE2 HE22 sing N N 100 
GLN OXT HXT  sing N N 101 
GLU N   CA   sing N N 102 
GLU N   H    sing N N 103 
GLU N   H2   sing N N 104 
GLU CA  C    sing N N 105 
GLU CA  CB   sing N N 106 
GLU CA  HA   sing N N 107 
GLU C   O    doub N N 108 
GLU C   OXT  sing N N 109 
GLU CB  CG   sing N N 110 
GLU CB  HB2  sing N N 111 
GLU CB  HB3  sing N N 112 
GLU CG  CD   sing N N 113 
GLU CG  HG2  sing N N 114 
GLU CG  HG3  sing N N 115 
GLU CD  OE1  doub N N 116 
GLU CD  OE2  sing N N 117 
GLU OE2 HE2  sing N N 118 
GLU OXT HXT  sing N N 119 
GLY N   CA   sing N N 120 
GLY N   H    sing N N 121 
GLY N   H2   sing N N 122 
GLY CA  C    sing N N 123 
GLY CA  HA2  sing N N 124 
GLY CA  HA3  sing N N 125 
GLY C   O    doub N N 126 
GLY C   OXT  sing N N 127 
GLY OXT HXT  sing N N 128 
HIS N   CA   sing N N 129 
HIS N   H    sing N N 130 
HIS N   H2   sing N N 131 
HIS CA  C    sing N N 132 
HIS CA  CB   sing N N 133 
HIS CA  HA   sing N N 134 
HIS C   O    doub N N 135 
HIS C   OXT  sing N N 136 
HIS CB  CG   sing N N 137 
HIS CB  HB2  sing N N 138 
HIS CB  HB3  sing N N 139 
HIS CG  ND1  sing Y N 140 
HIS CG  CD2  doub Y N 141 
HIS ND1 CE1  doub Y N 142 
HIS ND1 HD1  sing N N 143 
HIS CD2 NE2  sing Y N 144 
HIS CD2 HD2  sing N N 145 
HIS CE1 NE2  sing Y N 146 
HIS CE1 HE1  sing N N 147 
HIS NE2 HE2  sing N N 148 
HIS OXT HXT  sing N N 149 
HOH O   H1   sing N N 150 
HOH O   H2   sing N N 151 
LEU N   CA   sing N N 152 
LEU N   H    sing N N 153 
LEU N   H2   sing N N 154 
LEU CA  C    sing N N 155 
LEU CA  CB   sing N N 156 
LEU CA  HA   sing N N 157 
LEU C   O    doub N N 158 
LEU C   OXT  sing N N 159 
LEU CB  CG   sing N N 160 
LEU CB  HB2  sing N N 161 
LEU CB  HB3  sing N N 162 
LEU CG  CD1  sing N N 163 
LEU CG  CD2  sing N N 164 
LEU CG  HG   sing N N 165 
LEU CD1 HD11 sing N N 166 
LEU CD1 HD12 sing N N 167 
LEU CD1 HD13 sing N N 168 
LEU CD2 HD21 sing N N 169 
LEU CD2 HD22 sing N N 170 
LEU CD2 HD23 sing N N 171 
LEU OXT HXT  sing N N 172 
LYS N   CA   sing N N 173 
LYS N   H    sing N N 174 
LYS N   H2   sing N N 175 
LYS CA  C    sing N N 176 
LYS CA  CB   sing N N 177 
LYS CA  HA   sing N N 178 
LYS C   O    doub N N 179 
LYS C   OXT  sing N N 180 
LYS CB  CG   sing N N 181 
LYS CB  HB2  sing N N 182 
LYS CB  HB3  sing N N 183 
LYS CG  CD   sing N N 184 
LYS CG  HG2  sing N N 185 
LYS CG  HG3  sing N N 186 
LYS CD  CE   sing N N 187 
LYS CD  HD2  sing N N 188 
LYS CD  HD3  sing N N 189 
LYS CE  NZ   sing N N 190 
LYS CE  HE2  sing N N 191 
LYS CE  HE3  sing N N 192 
LYS NZ  HZ1  sing N N 193 
LYS NZ  HZ2  sing N N 194 
LYS NZ  HZ3  sing N N 195 
LYS OXT HXT  sing N N 196 
MET N   CA   sing N N 197 
MET N   H    sing N N 198 
MET N   H2   sing N N 199 
MET CA  C    sing N N 200 
MET CA  CB   sing N N 201 
MET CA  HA   sing N N 202 
MET C   O    doub N N 203 
MET C   OXT  sing N N 204 
MET CB  CG   sing N N 205 
MET CB  HB2  sing N N 206 
MET CB  HB3  sing N N 207 
MET CG  SD   sing N N 208 
MET CG  HG2  sing N N 209 
MET CG  HG3  sing N N 210 
MET SD  CE   sing N N 211 
MET CE  HE1  sing N N 212 
MET CE  HE2  sing N N 213 
MET CE  HE3  sing N N 214 
MET OXT HXT  sing N N 215 
PHE N   CA   sing N N 216 
PHE N   H    sing N N 217 
PHE N   H2   sing N N 218 
PHE CA  C    sing N N 219 
PHE CA  CB   sing N N 220 
PHE CA  HA   sing N N 221 
PHE C   O    doub N N 222 
PHE C   OXT  sing N N 223 
PHE CB  CG   sing N N 224 
PHE CB  HB2  sing N N 225 
PHE CB  HB3  sing N N 226 
PHE CG  CD1  doub Y N 227 
PHE CG  CD2  sing Y N 228 
PHE CD1 CE1  sing Y N 229 
PHE CD1 HD1  sing N N 230 
PHE CD2 CE2  doub Y N 231 
PHE CD2 HD2  sing N N 232 
PHE CE1 CZ   doub Y N 233 
PHE CE1 HE1  sing N N 234 
PHE CE2 CZ   sing Y N 235 
PHE CE2 HE2  sing N N 236 
PHE CZ  HZ   sing N N 237 
PHE OXT HXT  sing N N 238 
PRO N   CA   sing N N 239 
PRO N   CD   sing N N 240 
PRO N   H    sing N N 241 
PRO CA  C    sing N N 242 
PRO CA  CB   sing N N 243 
PRO CA  HA   sing N N 244 
PRO C   O    doub N N 245 
PRO C   OXT  sing N N 246 
PRO CB  CG   sing N N 247 
PRO CB  HB2  sing N N 248 
PRO CB  HB3  sing N N 249 
PRO CG  CD   sing N N 250 
PRO CG  HG2  sing N N 251 
PRO CG  HG3  sing N N 252 
PRO CD  HD2  sing N N 253 
PRO CD  HD3  sing N N 254 
PRO OXT HXT  sing N N 255 
SER N   CA   sing N N 256 
SER N   H    sing N N 257 
SER N   H2   sing N N 258 
SER CA  C    sing N N 259 
SER CA  CB   sing N N 260 
SER CA  HA   sing N N 261 
SER C   O    doub N N 262 
SER C   OXT  sing N N 263 
SER CB  OG   sing N N 264 
SER CB  HB2  sing N N 265 
SER CB  HB3  sing N N 266 
SER OG  HG   sing N N 267 
SER OXT HXT  sing N N 268 
SF4 FE1 S2   sing N N 269 
SF4 FE1 S3   sing N N 270 
SF4 FE1 S4   sing N N 271 
SF4 FE2 S1   sing N N 272 
SF4 FE2 S3   sing N N 273 
SF4 FE2 S4   sing N N 274 
SF4 FE3 S1   sing N N 275 
SF4 FE3 S2   sing N N 276 
SF4 FE3 S4   sing N N 277 
SF4 FE4 S1   sing N N 278 
SF4 FE4 S2   sing N N 279 
SF4 FE4 S3   sing N N 280 
THR N   CA   sing N N 281 
THR N   H    sing N N 282 
THR N   H2   sing N N 283 
THR CA  C    sing N N 284 
THR CA  CB   sing N N 285 
THR CA  HA   sing N N 286 
THR C   O    doub N N 287 
THR C   OXT  sing N N 288 
THR CB  OG1  sing N N 289 
THR CB  CG2  sing N N 290 
THR CB  HB   sing N N 291 
THR OG1 HG1  sing N N 292 
THR CG2 HG21 sing N N 293 
THR CG2 HG22 sing N N 294 
THR CG2 HG23 sing N N 295 
THR OXT HXT  sing N N 296 
TRP N   CA   sing N N 297 
TRP N   H    sing N N 298 
TRP N   H2   sing N N 299 
TRP CA  C    sing N N 300 
TRP CA  CB   sing N N 301 
TRP CA  HA   sing N N 302 
TRP C   O    doub N N 303 
TRP C   OXT  sing N N 304 
TRP CB  CG   sing N N 305 
TRP CB  HB2  sing N N 306 
TRP CB  HB3  sing N N 307 
TRP CG  CD1  doub Y N 308 
TRP CG  CD2  sing Y N 309 
TRP CD1 NE1  sing Y N 310 
TRP CD1 HD1  sing N N 311 
TRP CD2 CE2  doub Y N 312 
TRP CD2 CE3  sing Y N 313 
TRP NE1 CE2  sing Y N 314 
TRP NE1 HE1  sing N N 315 
TRP CE2 CZ2  sing Y N 316 
TRP CE3 CZ3  doub Y N 317 
TRP CE3 HE3  sing N N 318 
TRP CZ2 CH2  doub Y N 319 
TRP CZ2 HZ2  sing N N 320 
TRP CZ3 CH2  sing Y N 321 
TRP CZ3 HZ3  sing N N 322 
TRP CH2 HH2  sing N N 323 
TRP OXT HXT  sing N N 324 
TYR N   CA   sing N N 325 
TYR N   H    sing N N 326 
TYR N   H2   sing N N 327 
TYR CA  C    sing N N 328 
TYR CA  CB   sing N N 329 
TYR CA  HA   sing N N 330 
TYR C   O    doub N N 331 
TYR C   OXT  sing N N 332 
TYR CB  CG   sing N N 333 
TYR CB  HB2  sing N N 334 
TYR CB  HB3  sing N N 335 
TYR CG  CD1  doub Y N 336 
TYR CG  CD2  sing Y N 337 
TYR CD1 CE1  sing Y N 338 
TYR CD1 HD1  sing N N 339 
TYR CD2 CE2  doub Y N 340 
TYR CD2 HD2  sing N N 341 
TYR CE1 CZ   doub Y N 342 
TYR CE1 HE1  sing N N 343 
TYR CE2 CZ   sing Y N 344 
TYR CE2 HE2  sing N N 345 
TYR CZ  OH   sing N N 346 
TYR OH  HH   sing N N 347 
TYR OXT HXT  sing N N 348 
VAL N   CA   sing N N 349 
VAL N   H    sing N N 350 
VAL N   H2   sing N N 351 
VAL CA  C    sing N N 352 
VAL CA  CB   sing N N 353 
VAL CA  HA   sing N N 354 
VAL C   O    doub N N 355 
VAL C   OXT  sing N N 356 
VAL CB  CG1  sing N N 357 
VAL CB  CG2  sing N N 358 
VAL CB  HB   sing N N 359 
VAL CG1 HG11 sing N N 360 
VAL CG1 HG12 sing N N 361 
VAL CG1 HG13 sing N N 362 
VAL CG2 HG21 sing N N 363 
VAL CG2 HG22 sing N N 364 
VAL CG2 HG23 sing N N 365 
VAL OXT HXT  sing N N 366 
# 
_atom_sites.entry_id                    1HPI 
_atom_sites.fract_transf_matrix[1][1]   -0.00189226 
_atom_sites.fract_transf_matrix[1][2]   -0.01697540 
_atom_sites.fract_transf_matrix[1][3]   0.00120508 
_atom_sites.fract_transf_matrix[2][1]   0.00493136 
_atom_sites.fract_transf_matrix[2][2]   0.00048959 
_atom_sites.fract_transf_matrix[2][3]   0.01464001 
_atom_sites.fract_transf_matrix[3][1]   -0.02395062 
_atom_sites.fract_transf_matrix[3][2]   0.00323483 
_atom_sites.fract_transf_matrix[3][3]   0.00795937 
_atom_sites.fract_transf_vector[1]      0.842276 
_atom_sites.fract_transf_vector[2]      1.211966 
_atom_sites.fract_transf_vector[3]      0.070180 
# 
loop_
_atom_type.symbol 
C  
FE 
N  
O  
S  
# 
loop_
_atom_site.group_PDB 
_atom_site.id 
_atom_site.type_symbol 
_atom_site.label_atom_id 
_atom_site.label_alt_id 
_atom_site.label_comp_id 
_atom_site.label_asym_id 
_atom_site.label_entity_id 
_atom_site.label_seq_id 
_atom_site.pdbx_PDB_ins_code 
_atom_site.Cartn_x 
_atom_site.Cartn_y 
_atom_site.Cartn_z 
_atom_site.occupancy 
_atom_site.B_iso_or_equiv 
_atom_site.pdbx_formal_charge 
_atom_site.auth_seq_id 
_atom_site.auth_comp_id 
_atom_site.auth_asym_id 
_atom_site.auth_atom_id 
_atom_site.pdbx_PDB_model_num 
ATOM   1   N  N   . MET A 1 1  ? -0.130  16.435  3.555   1.00 9.41   ? 1   MET A N   1 
ATOM   2   C  CA  . MET A 1 1  ? 0.027   15.129  2.947   1.00 9.98   ? 1   MET A CA  1 
ATOM   3   C  C   . MET A 1 1  ? 1.470   14.690  3.172   1.00 20.06  ? 1   MET A C   1 
ATOM   4   O  O   . MET A 1 1  ? 2.388   15.478  2.946   1.00 13.81  ? 1   MET A O   1 
ATOM   5   C  CB  . MET A 1 1  ? -0.353  15.254  1.464   1.00 19.53  ? 1   MET A CB  1 
ATOM   6   C  CG  . MET A 1 1  ? 0.132   14.132  0.578   1.00 25.69  ? 1   MET A CG  1 
ATOM   7   S  SD  . MET A 1 1  ? -1.163  12.912  0.256   1.00 47.10  ? 1   MET A SD  1 
ATOM   8   C  CE  . MET A 1 1  ? -2.597  13.622  1.108   1.00 22.44  ? 1   MET A CE  1 
ATOM   9   N  N   . GLU A 1 2  ? 1.688   13.471  3.647   1.00 10.11  ? 2   GLU A N   1 
ATOM   10  C  CA  . GLU A 1 2  ? 3.047   13.013  3.888   1.00 9.79   ? 2   GLU A CA  1 
ATOM   11  C  C   . GLU A 1 2  ? 3.116   11.501  3.780   1.00 8.86   ? 2   GLU A C   1 
ATOM   12  O  O   . GLU A 1 2  ? 2.096   10.817  3.784   1.00 9.68   ? 2   GLU A O   1 
ATOM   13  C  CB  . GLU A 1 2  ? 3.594   13.494  5.247   1.00 13.72  ? 2   GLU A CB  1 
ATOM   14  C  CG  . GLU A 1 2  ? 2.785   12.882  6.402   1.00 10.73  ? 2   GLU A CG  1 
ATOM   15  C  CD  . GLU A 1 2  ? 3.249   13.255  7.778   1.00 53.63  ? 2   GLU A CD  1 
ATOM   16  O  OE1 . GLU A 1 2  ? 4.300   14.034  7.766   1.00 20.51  ? 2   GLU A OE1 1 
ATOM   17  O  OE2 . GLU A 1 2  ? 2.688   12.873  8.790   1.00 53.95  ? 2   GLU A OE2 1 
ATOM   18  N  N   . ARG A 1 3  ? 4.330   10.974  3.693   1.00 8.63   ? 3   ARG A N   1 
ATOM   19  C  CA  . ARG A 1 3  ? 4.485   9.537   3.580   1.00 10.26  ? 3   ARG A CA  1 
ATOM   20  C  C   . ARG A 1 3  ? 3.996   8.775   4.805   1.00 7.45   ? 3   ARG A C   1 
ATOM   21  O  O   . ARG A 1 3  ? 4.279   9.155   5.939   1.00 10.25  ? 3   ARG A O   1 
ATOM   22  C  CB  . ARG A 1 3  ? 5.952   9.175   3.319   1.00 10.79  ? 3   ARG A CB  1 
ATOM   23  C  CG  . ARG A 1 3  ? 6.472   9.567   1.932   1.00 10.12  ? 3   ARG A CG  1 
ATOM   24  C  CD  . ARG A 1 3  ? 7.844   8.972   1.626   1.00 11.24  ? 3   ARG A CD  1 
ATOM   25  N  NE  . ARG A 1 3  ? 8.812   9.600   2.505   1.00 17.15  ? 3   ARG A NE  1 
ATOM   26  C  CZ  . ARG A 1 3  ? 9.570   8.951   3.376   1.00 20.56  ? 3   ARG A CZ  1 
ATOM   27  N  NH1 . ARG A 1 3  ? 9.514   7.628   3.498   1.00 28.25  ? 3   ARG A NH1 1 
ATOM   28  N  NH2 . ARG A 1 3  ? 10.410  9.655   4.132   1.00 28.67  ? 3   ARG A NH2 1 
ATOM   29  N  N   . LEU A 1 4  ? 3.273   7.677   4.584   1.00 6.45   ? 4   LEU A N   1 
ATOM   30  C  CA  . LEU A 1 4  ? 2.790   6.843   5.680   1.00 5.91   ? 4   LEU A CA  1 
ATOM   31  C  C   . LEU A 1 4  ? 3.981   6.120   6.315   1.00 13.55  ? 4   LEU A C   1 
ATOM   32  O  O   . LEU A 1 4  ? 4.925   5.734   5.622   1.00 11.21  ? 4   LEU A O   1 
ATOM   33  C  CB  . LEU A 1 4  ? 1.941   5.724   5.034   1.00 6.88   ? 4   LEU A CB  1 
ATOM   34  C  CG  . LEU A 1 4  ? 1.327   4.702   5.993   1.00 8.23   ? 4   LEU A CG  1 
ATOM   35  C  CD1 . LEU A 1 4  ? 0.370   5.390   6.965   1.00 7.79   ? 4   LEU A CD1 1 
ATOM   36  C  CD2 . LEU A 1 4  ? 0.582   3.652   5.176   1.00 9.43   ? 4   LEU A CD2 1 
ATOM   37  N  N   . SER A 1 5  ? 3.956   5.895   7.622   1.00 8.85   ? 5   SER A N   1 
ATOM   38  C  CA  . SER A 1 5  ? 5.031   5.180   8.285   1.00 13.41  ? 5   SER A CA  1 
ATOM   39  C  C   . SER A 1 5  ? 4.538   3.760   8.581   1.00 15.95  ? 5   SER A C   1 
ATOM   40  O  O   . SER A 1 5  ? 3.371   3.558   8.883   1.00 13.13  ? 5   SER A O   1 
ATOM   41  C  CB  . SER A 1 5  ? 5.420   5.861   9.592   1.00 15.22  ? 5   SER A CB  1 
ATOM   42  O  OG  . SER A 1 5  ? 6.194   4.975   10.379  1.00 22.59  ? 5   SER A OG  1 
ATOM   43  N  N   . GLU A 1 6  ? 5.393   2.747   8.506   1.00 11.21  ? 6   GLU A N   1 
ATOM   44  C  CA  . GLU A 1 6  ? 4.960   1.390   8.794   1.00 9.72   ? 6   GLU A CA  1 
ATOM   45  C  C   . GLU A 1 6  ? 4.512   1.213   10.231  1.00 10.57  ? 6   GLU A C   1 
ATOM   46  O  O   . GLU A 1 6  ? 3.770   0.286   10.541  1.00 16.42  ? 6   GLU A O   1 
ATOM   47  C  CB  . GLU A 1 6  ? 6.063   0.375   8.458   1.00 11.07  ? 6   GLU A CB  1 
ATOM   48  C  CG  . GLU A 1 6  ? 6.118   0.044   6.963   1.00 13.00  ? 6   GLU A CG  1 
ATOM   49  C  CD  . GLU A 1 6  ? 7.181   -0.982  6.749   1.00 28.87  ? 6   GLU A CD  1 
ATOM   50  O  OE1 . GLU A 1 6  ? 7.880   -1.381  7.660   1.00 26.32  ? 6   GLU A OE1 1 
ATOM   51  O  OE2 . GLU A 1 6  ? 7.279   -1.396  5.517   1.00 11.25  ? 6   GLU A OE2 1 
ATOM   52  N  N   . ASP A 1 7  ? 4.956   2.088   11.123  1.00 11.74  ? 7   ASP A N   1 
ATOM   53  C  CA  . ASP A 1 7  ? 4.517   1.925   12.491  1.00 12.00  ? 7   ASP A CA  1 
ATOM   54  C  C   . ASP A 1 7  ? 3.356   2.818   12.817  1.00 18.92  ? 7   ASP A C   1 
ATOM   55  O  O   . ASP A 1 7  ? 2.971   2.908   13.976  1.00 22.85  ? 7   ASP A O   1 
ATOM   56  C  CB  . ASP A 1 7  ? 5.532   2.149   13.609  1.00 26.58  ? 7   ASP A CB  1 
ATOM   57  C  CG  . ASP A 1 7  ? 6.921   1.874   13.184  1.00 35.30  ? 7   ASP A CG  1 
ATOM   58  O  OD1 . ASP A 1 7  ? 7.149   0.598   12.952  1.00 100.00 ? 7   ASP A OD1 1 
ATOM   59  O  OD2 . ASP A 1 7  ? 7.721   2.763   13.002  1.00 92.93  ? 7   ASP A OD2 1 
ATOM   60  N  N   . ASP A 1 8  ? 2.804   3.488   11.826  1.00 12.39  ? 8   ASP A N   1 
ATOM   61  C  CA  . ASP A 1 8  ? 1.679   4.303   12.183  1.00 9.14   ? 8   ASP A CA  1 
ATOM   62  C  C   . ASP A 1 8  ? 0.586   3.296   12.521  1.00 11.75  ? 8   ASP A C   1 
ATOM   63  O  O   . ASP A 1 8  ? 0.468   2.261   11.875  1.00 11.95  ? 8   ASP A O   1 
ATOM   64  C  CB  . ASP A 1 8  ? 1.228   5.118   10.978  1.00 8.57   ? 8   ASP A CB  1 
ATOM   65  C  CG  . ASP A 1 8  ? 0.269   6.236   11.286  1.00 100.00 ? 8   ASP A CG  1 
ATOM   66  O  OD1 . ASP A 1 8  ? -0.983  5.849   11.305  1.00 67.31  ? 8   ASP A OD1 1 
ATOM   67  O  OD2 . ASP A 1 8  ? 0.628   7.382   11.496  1.00 100.00 ? 8   ASP A OD2 1 
ATOM   68  N  N   . PRO A 1 9  ? -0.221  3.575   13.523  1.00 10.57  ? 9   PRO A N   1 
ATOM   69  C  CA  . PRO A 1 9  ? -1.275  2.656   13.889  1.00 13.92  ? 9   PRO A CA  1 
ATOM   70  C  C   . PRO A 1 9  ? -2.200  2.293   12.725  1.00 12.39  ? 9   PRO A C   1 
ATOM   71  O  O   . PRO A 1 9  ? -2.621  1.143   12.624  1.00 10.93  ? 9   PRO A O   1 
ATOM   72  C  CB  . PRO A 1 9  ? -2.005  3.279   15.076  1.00 16.32  ? 9   PRO A CB  1 
ATOM   73  C  CG  . PRO A 1 9  ? -1.177  4.474   15.521  1.00 14.64  ? 9   PRO A CG  1 
ATOM   74  C  CD  . PRO A 1 9  ? -0.178  4.758   14.417  1.00 19.32  ? 9   PRO A CD  1 
ATOM   75  N  N   . ALA A 1 10 ? -2.497  3.258   11.845  1.00 6.82   ? 10  ALA A N   1 
ATOM   76  C  CA  . ALA A 1 10 ? -3.351  3.010   10.694  1.00 5.98   ? 10  ALA A CA  1 
ATOM   77  C  C   . ALA A 1 10 ? -2.713  1.960   9.787   1.00 11.91  ? 10  ALA A C   1 
ATOM   78  O  O   . ALA A 1 10 ? -3.378  1.085   9.221   1.00 11.29  ? 10  ALA A O   1 
ATOM   79  C  CB  . ALA A 1 10 ? -3.596  4.300   9.928   1.00 15.14  ? 10  ALA A CB  1 
ATOM   80  N  N   . ALA A 1 11 ? -1.389  2.067   9.646   1.00 12.41  ? 11  ALA A N   1 
ATOM   81  C  CA  . ALA A 1 11 ? -0.627  1.144   8.813   1.00 13.48  ? 11  ALA A CA  1 
ATOM   82  C  C   . ALA A 1 11 ? -0.686  -0.258  9.379   1.00 4.36   ? 11  ALA A C   1 
ATOM   83  O  O   . ALA A 1 11 ? -0.923  -1.237  8.682   1.00 6.59   ? 11  ALA A O   1 
ATOM   84  C  CB  . ALA A 1 11 ? 0.831   1.577   8.713   1.00 9.46   ? 11  ALA A CB  1 
ATOM   85  N  N   . GLN A 1 12 ? -0.450  -0.324  10.676  1.00 10.59  ? 12  GLN A N   1 
ATOM   86  C  CA  . GLN A 1 12 ? -0.458  -1.598  11.366  1.00 7.77   ? 12  GLN A CA  1 
ATOM   87  C  C   . GLN A 1 12 ? -1.777  -2.310  11.243  1.00 10.83  ? 12  GLN A C   1 
ATOM   88  O  O   . GLN A 1 12 ? -1.800  -3.517  11.062  1.00 10.54  ? 12  GLN A O   1 
ATOM   89  C  CB  . GLN A 1 12 ? -0.068  -1.398  12.831  1.00 10.09  ? 12  GLN A CB  1 
ATOM   90  C  CG  . GLN A 1 12 ? 1.412   -0.958  12.883  1.00 13.38  ? 12  GLN A CG  1 
ATOM   91  C  CD  . GLN A 1 12 ? 1.920   -0.651  14.274  1.00 58.15  ? 12  GLN A CD  1 
ATOM   92  O  OE1 . GLN A 1 12 ? 3.009   -1.095  14.664  1.00 57.60  ? 12  GLN A OE1 1 
ATOM   93  N  NE2 . GLN A 1 12 ? 1.146   0.131   15.017  1.00 30.01  ? 12  GLN A NE2 1 
ATOM   94  N  N   . ALA A 1 13 ? -2.865  -1.549  11.338  1.00 10.60  ? 13  ALA A N   1 
ATOM   95  C  CA  . ALA A 1 13 ? -4.193  -2.121  11.238  1.00 8.97   ? 13  ALA A CA  1 
ATOM   96  C  C   . ALA A 1 13 ? -4.413  -2.881  9.943   1.00 11.16  ? 13  ALA A C   1 
ATOM   97  O  O   . ALA A 1 13 ? -5.162  -3.853  9.904   1.00 12.06  ? 13  ALA A O   1 
ATOM   98  C  CB  . ALA A 1 13 ? -5.264  -1.058  11.415  1.00 8.65   ? 13  ALA A CB  1 
ATOM   99  N  N   . LEU A 1 14 ? -3.761  -2.420  8.877   1.00 9.11   ? 14  LEU A N   1 
ATOM   100 C  CA  . LEU A 1 14 ? -3.882  -3.044  7.574   1.00 6.82   ? 14  LEU A CA  1 
ATOM   101 C  C   . LEU A 1 14 ? -2.639  -3.847  7.200   1.00 8.58   ? 14  LEU A C   1 
ATOM   102 O  O   . LEU A 1 14 ? -2.488  -4.276  6.066   1.00 7.97   ? 14  LEU A O   1 
ATOM   103 C  CB  . LEU A 1 14 ? -4.184  -1.978  6.516   1.00 9.27   ? 14  LEU A CB  1 
ATOM   104 C  CG  . LEU A 1 14 ? -5.586  -1.413  6.720   1.00 9.30   ? 14  LEU A CG  1 
ATOM   105 C  CD1 . LEU A 1 14 ? -5.872  -0.333  5.685   1.00 12.89  ? 14  LEU A CD1 1 
ATOM   106 C  CD2 . LEU A 1 14 ? -6.627  -2.530  6.630   1.00 9.54   ? 14  LEU A CD2 1 
ATOM   107 N  N   . GLU A 1 15 ? -1.751  -4.051  8.167   1.00 8.38   ? 15  GLU A N   1 
ATOM   108 C  CA  . GLU A 1 15 ? -0.526  -4.810  7.941   1.00 9.87   ? 15  GLU A CA  1 
ATOM   109 C  C   . GLU A 1 15 ? 0.248   -4.311  6.744   1.00 9.34   ? 15  GLU A C   1 
ATOM   110 O  O   . GLU A 1 15 ? 0.801   -5.061  5.947   1.00 12.16  ? 15  GLU A O   1 
ATOM   111 C  CB  . GLU A 1 15 ? -0.844  -6.306  7.863   1.00 11.50  ? 15  GLU A CB  1 
ATOM   112 C  CG  . GLU A 1 15 ? -1.429  -6.671  9.235   1.00 22.24  ? 15  GLU A CG  1 
ATOM   113 C  CD  . GLU A 1 15 ? -1.453  -8.136  9.470   1.00 55.49  ? 15  GLU A CD  1 
ATOM   114 O  OE1 . GLU A 1 15 ? -0.250  -8.659  9.528   1.00 34.13  ? 15  GLU A OE1 1 
ATOM   115 O  OE2 . GLU A 1 15 ? -2.493  -8.757  9.580   1.00 24.93  ? 15  GLU A OE2 1 
ATOM   116 N  N   . TYR A 1 16 ? 0.274   -3.002  6.638   1.00 10.33  ? 16  TYR A N   1 
ATOM   117 C  CA  . TYR A 1 16 ? 0.960   -2.373  5.533   1.00 9.04   ? 16  TYR A CA  1 
ATOM   118 C  C   . TYR A 1 16 ? 2.480   -2.469  5.583   1.00 8.86   ? 16  TYR A C   1 
ATOM   119 O  O   . TYR A 1 16 ? 3.086   -2.359  6.638   1.00 9.93   ? 16  TYR A O   1 
ATOM   120 C  CB  . TYR A 1 16 ? 0.550   -0.885  5.473   1.00 9.18   ? 16  TYR A CB  1 
ATOM   121 C  CG  . TYR A 1 16 ? 1.436   -0.047  4.566   1.00 6.65   ? 16  TYR A CG  1 
ATOM   122 C  CD1 . TYR A 1 16 ? 1.120   0.070   3.213   1.00 9.03   ? 16  TYR A CD1 1 
ATOM   123 C  CD2 . TYR A 1 16 ? 2.567   0.616   5.048   1.00 8.07   ? 16  TYR A CD2 1 
ATOM   124 C  CE1 . TYR A 1 16 ? 1.913   0.828   2.355   1.00 8.84   ? 16  TYR A CE1 1 
ATOM   125 C  CE2 . TYR A 1 16 ? 3.374   1.385   4.209   1.00 7.06   ? 16  TYR A CE2 1 
ATOM   126 C  CZ  . TYR A 1 16 ? 3.041   1.479   2.856   1.00 6.74   ? 16  TYR A CZ  1 
ATOM   127 O  OH  . TYR A 1 16 ? 3.820   2.223   2.002   1.00 7.36   ? 16  TYR A OH  1 
ATOM   128 N  N   . ARG A 1 17 ? 3.102   -2.654  4.421   1.00 6.61   ? 17  ARG A N   1 
ATOM   129 C  CA  . ARG A 1 17 ? 4.553   -2.720  4.289   1.00 10.92  ? 17  ARG A CA  1 
ATOM   130 C  C   . ARG A 1 17 ? 4.955   -1.872  3.085   1.00 10.13  ? 17  ARG A C   1 
ATOM   131 O  O   . ARG A 1 17 ? 4.268   -1.892  2.072   1.00 7.78   ? 17  ARG A O   1 
ATOM   132 C  CB  . ARG A 1 17 ? 5.117   -4.097  3.986   1.00 3.72   ? 17  ARG A CB  1 
ATOM   133 C  CG  . ARG A 1 17 ? 4.888   -5.092  5.100   1.00 10.25  ? 17  ARG A CG  1 
ATOM   134 C  CD  . ARG A 1 17 ? 5.535   -4.716  6.424   1.00 20.37  ? 17  ARG A CD  1 
ATOM   135 N  NE  . ARG A 1 17 ? 4.965   -5.557  7.469   1.00 89.91  ? 17  ARG A NE  1 
ATOM   136 C  CZ  . ARG A 1 17 ? 4.023   -5.139  8.311   1.00 100.00 ? 17  ARG A CZ  1 
ATOM   137 N  NH1 . ARG A 1 17 ? 3.544   -3.903  8.265   1.00 100.00 ? 17  ARG A NH1 1 
ATOM   138 N  NH2 . ARG A 1 17 ? 3.544   -5.968  9.233   1.00 100.00 ? 17  ARG A NH2 1 
ATOM   139 N  N   . HIS A 1 18 ? 6.061   -1.137  3.171   1.00 5.79   ? 18  HIS A N   1 
ATOM   140 C  CA  . HIS A 1 18 ? 6.497   -0.333  2.035   1.00 4.58   ? 18  HIS A CA  1 
ATOM   141 C  C   . HIS A 1 18 ? 7.018   -1.217  0.895   1.00 8.27   ? 18  HIS A C   1 
ATOM   142 O  O   . HIS A 1 18 ? 7.038   -0.804  -0.269  1.00 10.00  ? 18  HIS A O   1 
ATOM   143 C  CB  . HIS A 1 18 ? 7.688   0.544   2.436   1.00 4.77   ? 18  HIS A CB  1 
ATOM   144 C  CG  . HIS A 1 18 ? 7.389   1.635   3.397   1.00 10.58  ? 18  HIS A CG  1 
ATOM   145 N  ND1 . HIS A 1 18 ? 6.285   2.456   3.247   1.00 12.71  ? 18  HIS A ND1 1 
ATOM   146 C  CD2 . HIS A 1 18 ? 8.069   2.024   4.507   1.00 12.70  ? 18  HIS A CD2 1 
ATOM   147 C  CE1 . HIS A 1 18 ? 6.328   3.320   4.262   1.00 9.89   ? 18  HIS A CE1 1 
ATOM   148 N  NE2 . HIS A 1 18 ? 7.380   3.088   5.037   1.00 11.96  ? 18  HIS A NE2 1 
ATOM   149 N  N   . ASP A 1 19 ? 7.470   -2.439  1.230   1.00 9.56   ? 19  ASP A N   1 
ATOM   150 C  CA  . ASP A 1 19 ? 8.010   -3.405  0.263   1.00 6.88   ? 19  ASP A CA  1 
ATOM   151 C  C   . ASP A 1 19 ? 7.239   -4.715  0.404   1.00 5.86   ? 19  ASP A C   1 
ATOM   152 O  O   . ASP A 1 19 ? 7.367   -5.436  1.395   1.00 8.06   ? 19  ASP A O   1 
ATOM   153 C  CB  . ASP A 1 19 ? 9.512   -3.642  0.551   1.00 9.27   ? 19  ASP A CB  1 
ATOM   154 C  CG  . ASP A 1 19 ? 10.263  -4.590  -0.356  1.00 11.35  ? 19  ASP A CG  1 
ATOM   155 O  OD1 . ASP A 1 19 ? 9.559   -5.133  -1.317  1.00 10.43  ? 19  ASP A OD1 1 
ATOM   156 O  OD2 . ASP A 1 19 ? 11.447  -4.811  -0.214  1.00 18.72  ? 19  ASP A OD2 1 
ATOM   157 N  N   . ALA A 1 20 ? 6.424   -4.999  -0.602  1.00 10.24  ? 20  ALA A N   1 
ATOM   158 C  CA  . ALA A 1 20 ? 5.583   -6.185  -0.650  1.00 6.79   ? 20  ALA A CA  1 
ATOM   159 C  C   . ALA A 1 20 ? 6.369   -7.461  -0.513  1.00 15.46  ? 20  ALA A C   1 
ATOM   160 O  O   . ALA A 1 20 ? 5.894   -8.446  0.036   1.00 12.44  ? 20  ALA A O   1 
ATOM   161 C  CB  . ALA A 1 20 ? 4.810   -6.213  -1.954  1.00 7.99   ? 20  ALA A CB  1 
ATOM   162 N  N   . SER A 1 21 ? 7.582   -7.419  -1.030  1.00 11.68  ? 21  SER A N   1 
ATOM   163 C  CA  . SER A 1 21 ? 8.423   -8.583  -0.967  1.00 19.25  ? 21  SER A CA  1 
ATOM   164 C  C   . SER A 1 21 ? 8.654   -9.025  0.467   1.00 21.67  ? 21  SER A C   1 
ATOM   165 O  O   . SER A 1 21 ? 9.093   -10.140 0.702   1.00 18.39  ? 21  SER A O   1 
ATOM   166 C  CB  . SER A 1 21 ? 9.713   -8.416  -1.763  1.00 16.31  ? 21  SER A CB  1 
ATOM   167 O  OG  . SER A 1 21 ? 10.668  -7.755  -0.956  1.00 22.94  ? 21  SER A OG  1 
ATOM   168 N  N   . SER A 1 22 ? 8.354   -8.172  1.445   1.00 12.94  ? 22  SER A N   1 
ATOM   169 C  CA  . SER A 1 22 ? 8.556   -8.532  2.833   1.00 11.64  ? 22  SER A CA  1 
ATOM   170 C  C   . SER A 1 22 ? 7.279   -8.976  3.541   1.00 24.00  ? 22  SER A C   1 
ATOM   171 O  O   . SER A 1 22 ? 7.257   -9.221  4.748   1.00 21.09  ? 22  SER A O   1 
ATOM   172 C  CB  . SER A 1 22 ? 9.181   -7.364  3.571   1.00 16.71  ? 22  SER A CB  1 
ATOM   173 O  OG  . SER A 1 22 ? 8.240   -6.309  3.636   1.00 29.16  ? 22  SER A OG  1 
ATOM   174 N  N   . VAL A 1 23 ? 6.204   -9.083  2.780   1.00 13.61  ? 23  VAL A N   1 
ATOM   175 C  CA  . VAL A 1 23 ? 4.941   -9.488  3.350   1.00 9.16   ? 23  VAL A CA  1 
ATOM   176 C  C   . VAL A 1 23 ? 4.846   -10.990 3.598   1.00 12.16  ? 23  VAL A C   1 
ATOM   177 O  O   . VAL A 1 23 ? 5.198   -11.792 2.744   1.00 10.04  ? 23  VAL A O   1 
ATOM   178 C  CB  . VAL A 1 23 ? 3.824   -9.100  2.385   1.00 9.72   ? 23  VAL A CB  1 
ATOM   179 C  CG1 . VAL A 1 23 ? 2.517   -9.751  2.820   1.00 9.39   ? 23  VAL A CG1 1 
ATOM   180 C  CG2 . VAL A 1 23 ? 3.662   -7.580  2.328   1.00 13.44  ? 23  VAL A CG2 1 
ATOM   181 N  N   . GLN A 1 24 ? 4.342   -11.372 4.765   1.00 12.10  ? 24  GLN A N   1 
ATOM   182 C  CA  . GLN A 1 24 ? 4.144   -12.761 5.123   1.00 13.68  ? 24  GLN A CA  1 
ATOM   183 C  C   . GLN A 1 24 ? 2.728   -12.775 5.693   1.00 17.39  ? 24  GLN A C   1 
ATOM   184 O  O   . GLN A 1 24 ? 2.519   -12.545 6.881   1.00 18.82  ? 24  GLN A O   1 
ATOM   185 C  CB  . GLN A 1 24 ? 5.244   -13.281 6.059   1.00 14.16  ? 24  GLN A CB  1 
ATOM   186 C  CG  . GLN A 1 24 ? 4.757   -14.465 6.895   1.00 100.00 ? 24  GLN A CG  1 
ATOM   187 C  CD  . GLN A 1 24 ? 5.911   -15.304 7.385   1.00 100.00 ? 24  GLN A CD  1 
ATOM   188 O  OE1 . GLN A 1 24 ? 5.718   -16.181 8.238   1.00 32.29  ? 24  GLN A OE1 1 
ATOM   189 N  NE2 . GLN A 1 24 ? 7.102   -15.045 6.848   1.00 34.88  ? 24  GLN A NE2 1 
ATOM   190 N  N   . HIS A 1 25 ? 1.756   -12.995 4.800   1.00 12.91  ? 25  HIS A N   1 
ATOM   191 C  CA  . HIS A 1 25 ? 0.327   -13.005 5.102   1.00 10.38  ? 25  HIS A CA  1 
ATOM   192 C  C   . HIS A 1 25 ? -0.415  -13.965 4.185   1.00 7.56   ? 25  HIS A C   1 
ATOM   193 O  O   . HIS A 1 25 ? -0.148  -14.014 2.996   1.00 10.97  ? 25  HIS A O   1 
ATOM   194 C  CB  . HIS A 1 25 ? -0.207  -11.567 4.879   1.00 11.24  ? 25  HIS A CB  1 
ATOM   195 C  CG  . HIS A 1 25 ? -1.610  -11.339 5.377   1.00 8.93   ? 25  HIS A CG  1 
ATOM   196 N  ND1 . HIS A 1 25 ? -2.718  -11.738 4.636   1.00 15.33  ? 25  HIS A ND1 1 
ATOM   197 C  CD2 . HIS A 1 25 ? -2.066  -10.758 6.525   1.00 11.25  ? 25  HIS A CD2 1 
ATOM   198 C  CE1 . HIS A 1 25 ? -3.805  -11.401 5.328   1.00 10.42  ? 25  HIS A CE1 1 
ATOM   199 N  NE2 . HIS A 1 25 ? -3.444  -10.820 6.470   1.00 11.79  ? 25  HIS A NE2 1 
ATOM   200 N  N   . PRO A 1 26 ? -1.356  -14.733 4.730   1.00 8.71   ? 26  PRO A N   1 
ATOM   201 C  CA  . PRO A 1 26 ? -2.115  -15.711 3.968   1.00 9.02   ? 26  PRO A CA  1 
ATOM   202 C  C   . PRO A 1 26 ? -2.839  -15.207 2.738   1.00 11.75  ? 26  PRO A C   1 
ATOM   203 O  O   . PRO A 1 26 ? -3.008  -15.942 1.771   1.00 15.82  ? 26  PRO A O   1 
ATOM   204 C  CB  . PRO A 1 26 ? -3.072  -16.389 4.963   1.00 7.53   ? 26  PRO A CB  1 
ATOM   205 C  CG  . PRO A 1 26 ? -2.551  -16.012 6.342   1.00 9.88   ? 26  PRO A CG  1 
ATOM   206 C  CD  . PRO A 1 26 ? -1.781  -14.709 6.152   1.00 8.93   ? 26  PRO A CD  1 
ATOM   207 N  N   . ALA A 1 27 ? -3.286  -13.961 2.771   1.00 8.36   ? 27  ALA A N   1 
ATOM   208 C  CA  . ALA A 1 27 ? -3.999  -13.410 1.631   1.00 11.52  ? 27  ALA A CA  1 
ATOM   209 C  C   . ALA A 1 27 ? -3.098  -12.872 0.527   1.00 14.36  ? 27  ALA A C   1 
ATOM   210 O  O   . ALA A 1 27 ? -3.534  -12.685 -0.601  1.00 10.13  ? 27  ALA A O   1 
ATOM   211 C  CB  . ALA A 1 27 ? -4.871  -12.248 2.096   1.00 10.21  ? 27  ALA A CB  1 
ATOM   212 N  N   . TYR A 1 28 ? -1.844  -12.606 0.852   1.00 10.20  ? 28  TYR A N   1 
ATOM   213 C  CA  . TYR A 1 28 ? -0.919  -12.066 -0.116  1.00 11.01  ? 28  TYR A CA  1 
ATOM   214 C  C   . TYR A 1 28 ? -0.519  -13.026 -1.227  1.00 14.91  ? 28  TYR A C   1 
ATOM   215 O  O   . TYR A 1 28 ? -0.341  -14.209 -1.001  1.00 11.13  ? 28  TYR A O   1 
ATOM   216 C  CB  . TYR A 1 28 ? 0.336   -11.514 0.603   1.00 7.06   ? 28  TYR A CB  1 
ATOM   217 C  CG  . TYR A 1 28 ? 1.454   -11.118 -0.346  1.00 13.90  ? 28  TYR A CG  1 
ATOM   218 C  CD1 . TYR A 1 28 ? 1.452   -9.859  -0.951  1.00 8.86   ? 28  TYR A CD1 1 
ATOM   219 C  CD2 . TYR A 1 28 ? 2.513   -11.980 -0.641  1.00 16.40  ? 28  TYR A CD2 1 
ATOM   220 C  CE1 . TYR A 1 28 ? 2.464   -9.470  -1.832  1.00 11.21  ? 28  TYR A CE1 1 
ATOM   221 C  CE2 . TYR A 1 28 ? 3.535   -11.607 -1.515  1.00 12.13  ? 28  TYR A CE2 1 
ATOM   222 C  CZ  . TYR A 1 28 ? 3.516   -10.345 -2.115  1.00 22.37  ? 28  TYR A CZ  1 
ATOM   223 O  OH  . TYR A 1 28 ? 4.533   -9.982  -2.975  1.00 13.40  ? 28  TYR A OH  1 
ATOM   224 N  N   . GLU A 1 29 ? -0.377  -12.504 -2.437  1.00 8.12   ? 29  GLU A N   1 
ATOM   225 C  CA  . GLU A 1 29 ? 0.061   -13.293 -3.571  1.00 9.67   ? 29  GLU A CA  1 
ATOM   226 C  C   . GLU A 1 29 ? 1.125   -12.470 -4.248  1.00 17.31  ? 29  GLU A C   1 
ATOM   227 O  O   . GLU A 1 29 ? 0.999   -11.254 -4.408  1.00 11.28  ? 29  GLU A O   1 
ATOM   228 C  CB  . GLU A 1 29 ? -0.975  -13.741 -4.595  1.00 15.04  ? 29  GLU A CB  1 
ATOM   229 C  CG  . GLU A 1 29 ? -2.122  -14.484 -3.921  1.00 22.63  ? 29  GLU A CG  1 
ATOM   230 C  CD  . GLU A 1 29 ? -3.253  -14.607 -4.888  1.00 100.00 ? 29  GLU A CD  1 
ATOM   231 O  OE1 . GLU A 1 29 ? -2.842  -14.745 -6.123  1.00 44.49  ? 29  GLU A OE1 1 
ATOM   232 O  OE2 . GLU A 1 29 ? -4.424  -14.635 -4.552  1.00 100.00 ? 29  GLU A OE2 1 
ATOM   233 N  N   . GLU A 1 30 ? 2.190   -13.141 -4.630  1.00 11.47  ? 30  GLU A N   1 
ATOM   234 C  CA  . GLU A 1 30 ? 3.277   -12.439 -5.277  1.00 14.79  ? 30  GLU A CA  1 
ATOM   235 C  C   . GLU A 1 30 ? 2.820   -11.715 -6.527  1.00 10.35  ? 30  GLU A C   1 
ATOM   236 O  O   . GLU A 1 30 ? 2.128   -12.269 -7.375  1.00 13.86  ? 30  GLU A O   1 
ATOM   237 C  CB  . GLU A 1 30 ? 4.505   -13.340 -5.471  1.00 15.15  ? 30  GLU A CB  1 
ATOM   238 C  CG  . GLU A 1 30 ? 5.226   -13.491 -4.118  1.00 22.60  ? 30  GLU A CG  1 
ATOM   239 C  CD  . GLU A 1 30 ? 6.372   -14.456 -4.117  1.00 26.90  ? 30  GLU A CD  1 
ATOM   240 O  OE1 . GLU A 1 30 ? 6.823   -14.714 -5.319  1.00 100.00 ? 30  GLU A OE1 1 
ATOM   241 O  OE2 . GLU A 1 30 ? 6.821   -14.947 -3.099  1.00 23.51  ? 30  GLU A OE2 1 
ATOM   242 N  N   . GLY A 1 31 ? 3.209   -10.454 -6.622  1.00 11.85  ? 31  GLY A N   1 
ATOM   243 C  CA  . GLY A 1 31 ? 2.838   -9.630  -7.754  1.00 9.26   ? 31  GLY A CA  1 
ATOM   244 C  C   . GLY A 1 31 ? 1.866   -8.528  -7.340  1.00 14.37  ? 31  GLY A C   1 
ATOM   245 O  O   . GLY A 1 31 ? 1.669   -7.555  -8.060  1.00 18.33  ? 31  GLY A O   1 
ATOM   246 N  N   . GLN A 1 32 ? 1.235   -8.673  -6.182  1.00 8.68   ? 32  GLN A N   1 
ATOM   247 C  CA  . GLN A 1 32 ? 0.305   -7.648  -5.736  1.00 10.49  ? 32  GLN A CA  1 
ATOM   248 C  C   . GLN A 1 32 ? 1.102   -6.513  -5.112  1.00 12.87  ? 32  GLN A C   1 
ATOM   249 O  O   . GLN A 1 32 ? 1.931   -6.753  -4.229  1.00 9.53   ? 32  GLN A O   1 
ATOM   250 C  CB  . GLN A 1 32 ? -0.641  -8.193  -4.645  1.00 11.41  ? 32  GLN A CB  1 
ATOM   251 C  CG  . GLN A 1 32 ? -1.503  -9.386  -5.099  1.00 10.14  ? 32  GLN A CG  1 
ATOM   252 C  CD  . GLN A 1 32 ? -2.367  -9.972  -3.990  1.00 10.34  ? 32  GLN A CD  1 
ATOM   253 O  OE1 . GLN A 1 32 ? -2.216  -9.661  -2.797  1.00 12.49  ? 32  GLN A OE1 1 
ATOM   254 N  NE2 . GLN A 1 32 ? -3.284  -10.850 -4.380  1.00 16.16  ? 32  GLN A NE2 1 
ATOM   255 N  N   . THR A 1 33 ? 0.847   -5.283  -5.555  1.00 7.95   ? 33  THR A N   1 
ATOM   256 C  CA  . THR A 1 33 ? 1.529   -4.111  -5.030  1.00 7.27   ? 33  THR A CA  1 
ATOM   257 C  C   . THR A 1 33 ? 0.556   -2.938  -5.050  1.00 6.84   ? 33  THR A C   1 
ATOM   258 O  O   . THR A 1 33 ? -0.502  -3.006  -5.686  1.00 5.81   ? 33  THR A O   1 
ATOM   259 C  CB  . THR A 1 33 ? 2.781   -3.690  -5.841  1.00 10.09  ? 33  THR A CB  1 
ATOM   260 O  OG1 . THR A 1 33 ? 2.371   -3.309  -7.137  1.00 12.62  ? 33  THR A OG1 1 
ATOM   261 C  CG2 . THR A 1 33 ? 3.815   -4.809  -5.910  1.00 9.61   ? 33  THR A CG2 1 
ATOM   262 N  N   . CYS A 1 34 ? 0.934   -1.856  -4.361  1.00 6.93   ? 34  CYS A N   1 
ATOM   263 C  CA  . CYS A 1 34 ? 0.075   -0.696  -4.337  1.00 7.29   ? 34  CYS A CA  1 
ATOM   264 C  C   . CYS A 1 34 ? -0.108  -0.239  -5.774  1.00 16.59  ? 34  CYS A C   1 
ATOM   265 O  O   . CYS A 1 34 ? -1.195  0.147   -6.195  1.00 7.36   ? 34  CYS A O   1 
ATOM   266 C  CB  . CYS A 1 34 ? 0.686   0.452   -3.512  1.00 4.28   ? 34  CYS A CB  1 
ATOM   267 S  SG  . CYS A 1 34 ? 0.747   0.062   -1.756  1.00 7.82   ? 34  CYS A SG  1 
ATOM   268 N  N   . LEU A 1 35 ? 0.989   -0.295  -6.526  1.00 10.36  ? 35  LEU A N   1 
ATOM   269 C  CA  . LEU A 1 35 ? 0.964   0.115   -7.916  1.00 11.76  ? 35  LEU A CA  1 
ATOM   270 C  C   . LEU A 1 35 ? -0.163  -0.515  -8.721  1.00 20.82  ? 35  LEU A C   1 
ATOM   271 O  O   . LEU A 1 35 ? -0.766  0.148   -9.566  1.00 13.59  ? 35  LEU A O   1 
ATOM   272 C  CB  . LEU A 1 35 ? 2.346   0.010   -8.590  1.00 9.30   ? 35  LEU A CB  1 
ATOM   273 C  CG  . LEU A 1 35 ? 2.469   0.778   -9.910  1.00 19.77  ? 35  LEU A CG  1 
ATOM   274 C  CD1 . LEU A 1 35 ? 2.182   2.266   -9.736  1.00 19.21  ? 35  LEU A CD1 1 
ATOM   275 C  CD2 . LEU A 1 35 ? 3.883   0.605   -10.441 1.00 27.11  ? 35  LEU A CD2 1 
ATOM   276 N  N   . ASN A 1 36 ? -0.476  -1.786  -8.479  1.00 10.76  ? 36  ASN A N   1 
ATOM   277 C  CA  . ASN A 1 36 ? -1.557  -2.392  -9.235  1.00 11.62  ? 36  ASN A CA  1 
ATOM   278 C  C   . ASN A 1 36 ? -2.852  -2.540  -8.427  1.00 13.13  ? 36  ASN A C   1 
ATOM   279 O  O   . ASN A 1 36 ? -3.736  -3.338  -8.750  1.00 9.93   ? 36  ASN A O   1 
ATOM   280 C  CB  . ASN A 1 36 ? -1.126  -3.712  -9.892  1.00 10.51  ? 36  ASN A CB  1 
ATOM   281 C  CG  . ASN A 1 36 ? -0.597  -4.742  -8.908  1.00 12.98  ? 36  ASN A CG  1 
ATOM   282 O  OD1 . ASN A 1 36 ? -0.913  -4.722  -7.710  1.00 11.87  ? 36  ASN A OD1 1 
ATOM   283 N  ND2 . ASN A 1 36 ? 0.199   -5.676  -9.418  1.00 31.51  ? 36  ASN A ND2 1 
ATOM   284 N  N   . CYS A 1 37 ? -2.964  -1.752  -7.360  1.00 8.62   ? 37  CYS A N   1 
ATOM   285 C  CA  . CYS A 1 37 ? -4.128  -1.778  -6.497  1.00 7.10   ? 37  CYS A CA  1 
ATOM   286 C  C   . CYS A 1 37 ? -5.155  -0.729  -6.898  1.00 10.95  ? 37  CYS A C   1 
ATOM   287 O  O   . CYS A 1 37 ? -4.822  0.416   -7.155  1.00 7.84   ? 37  CYS A O   1 
ATOM   288 C  CB  . CYS A 1 37 ? -3.699  -1.517  -5.037  1.00 8.58   ? 37  CYS A CB  1 
ATOM   289 S  SG  . CYS A 1 37 ? -5.069  -1.498  -3.850  1.00 7.54   ? 37  CYS A SG  1 
ATOM   290 N  N   . LEU A 1 38 ? -6.420  -1.118  -6.940  1.00 5.74   ? 38  LEU A N   1 
ATOM   291 C  CA  . LEU A 1 38 ? -7.483  -0.206  -7.291  1.00 9.26   ? 38  LEU A CA  1 
ATOM   292 C  C   . LEU A 1 38 ? -7.543  1.052   -6.410  1.00 13.20  ? 38  LEU A C   1 
ATOM   293 O  O   . LEU A 1 38 ? -7.949  2.107   -6.889  1.00 13.06  ? 38  LEU A O   1 
ATOM   294 C  CB  . LEU A 1 38 ? -8.790  -0.998  -7.129  1.00 16.67  ? 38  LEU A CB  1 
ATOM   295 C  CG  . LEU A 1 38 ? -10.054 -0.209  -7.431  1.00 28.83  ? 38  LEU A CG  1 
ATOM   296 C  CD1 . LEU A 1 38 ? -10.068 0.175   -8.900  1.00 20.20  ? 38  LEU A CD1 1 
ATOM   297 C  CD2 . LEU A 1 38 ? -11.259 -1.095  -7.155  1.00 27.69  ? 38  LEU A CD2 1 
ATOM   298 N  N   . LEU A 1 39 ? -7.148  0.976   -5.122  1.00 9.27   ? 39  LEU A N   1 
ATOM   299 C  CA  . LEU A 1 39 ? -7.189  2.111   -4.192  1.00 6.93   ? 39  LEU A CA  1 
ATOM   300 C  C   . LEU A 1 39 ? -6.047  3.121   -4.315  1.00 8.45   ? 39  LEU A C   1 
ATOM   301 O  O   . LEU A 1 39 ? -6.042  4.162   -3.654  1.00 8.54   ? 39  LEU A O   1 
ATOM   302 C  CB  . LEU A 1 39 ? -7.454  1.681   -2.733  1.00 8.71   ? 39  LEU A CB  1 
ATOM   303 C  CG  . LEU A 1 39 ? -8.575  0.643   -2.605  1.00 14.39  ? 39  LEU A CG  1 
ATOM   304 C  CD1 . LEU A 1 39 ? -8.804  0.279   -1.144  1.00 28.16  ? 39  LEU A CD1 1 
ATOM   305 C  CD2 . LEU A 1 39 ? -9.869  1.151   -3.220  1.00 16.63  ? 39  LEU A CD2 1 
ATOM   306 N  N   . TYR A 1 40 ? -5.079  2.781   -5.170  1.00 7.77   ? 40  TYR A N   1 
ATOM   307 C  CA  . TYR A 1 40 ? -3.906  3.608   -5.451  1.00 10.44  ? 40  TYR A CA  1 
ATOM   308 C  C   . TYR A 1 40 ? -4.381  4.473   -6.595  1.00 13.43  ? 40  TYR A C   1 
ATOM   309 O  O   . TYR A 1 40 ? -4.425  4.072   -7.759  1.00 14.66  ? 40  TYR A O   1 
ATOM   310 C  CB  . TYR A 1 40 ? -2.700  2.737   -5.838  1.00 7.20   ? 40  TYR A CB  1 
ATOM   311 C  CG  . TYR A 1 40 ? -1.341  3.401   -5.846  1.00 5.82   ? 40  TYR A CG  1 
ATOM   312 C  CD1 . TYR A 1 40 ? -0.671  3.780   -4.680  1.00 10.52  ? 40  TYR A CD1 1 
ATOM   313 C  CD2 . TYR A 1 40 ? -0.706  3.621   -7.070  1.00 16.12  ? 40  TYR A CD2 1 
ATOM   314 C  CE1 . TYR A 1 40 ? 0.595   4.369   -4.726  1.00 13.85  ? 40  TYR A CE1 1 
ATOM   315 C  CE2 . TYR A 1 40 ? 0.559   4.208   -7.133  1.00 9.25   ? 40  TYR A CE2 1 
ATOM   316 C  CZ  . TYR A 1 40 ? 1.215   4.584   -5.959  1.00 15.85  ? 40  TYR A CZ  1 
ATOM   317 O  OH  . TYR A 1 40 ? 2.463   5.160   -5.998  1.00 11.52  ? 40  TYR A OH  1 
ATOM   318 N  N   . THR A 1 41 ? -4.780  5.668   -6.193  1.00 12.15  ? 41  THR A N   1 
ATOM   319 C  CA  . THR A 1 41 ? -5.337  6.640   -7.095  1.00 24.11  ? 41  THR A CA  1 
ATOM   320 C  C   . THR A 1 41 ? -4.599  7.129   -8.307  1.00 24.40  ? 41  THR A C   1 
ATOM   321 O  O   . THR A 1 41 ? -5.210  7.363   -9.337  1.00 21.22  ? 41  THR A O   1 
ATOM   322 C  CB  . THR A 1 41 ? -6.304  7.637   -6.457  1.00 16.85  ? 41  THR A CB  1 
ATOM   323 O  OG1 . THR A 1 41 ? -5.548  8.480   -5.628  1.00 19.12  ? 41  THR A OG1 1 
ATOM   324 C  CG2 . THR A 1 41 ? -7.342  6.885   -5.633  1.00 18.72  ? 41  THR A CG2 1 
ATOM   325 N  N   . ASP A 1 42 ? -3.307  7.295   -8.199  1.00 11.90  ? 42  ASP A N   1 
ATOM   326 C  CA  . ASP A 1 42 ? -2.578  7.759   -9.351  1.00 9.51   ? 42  ASP A CA  1 
ATOM   327 C  C   . ASP A 1 42 ? -1.780  6.597   -9.873  1.00 17.14  ? 42  ASP A C   1 
ATOM   328 O  O   . ASP A 1 42 ? -0.709  6.316   -9.347  1.00 12.49  ? 42  ASP A O   1 
ATOM   329 C  CB  . ASP A 1 42 ? -1.631  8.866   -8.904  1.00 12.82  ? 42  ASP A CB  1 
ATOM   330 C  CG  . ASP A 1 42 ? -0.993  9.552   -10.070 1.00 19.42  ? 42  ASP A CG  1 
ATOM   331 O  OD1 . ASP A 1 42 ? -1.182  8.949   -11.215 1.00 20.94  ? 42  ASP A OD1 1 
ATOM   332 O  OD2 . ASP A 1 42 ? -0.356  10.574  -9.947  1.00 28.54  ? 42  ASP A OD2 1 
ATOM   333 N  N   . ALA A 1 43 ? -2.318  5.952   -10.903 1.00 11.78  ? 43  ALA A N   1 
ATOM   334 C  CA  . ALA A 1 43 ? -1.665  4.801   -11.476 1.00 12.57  ? 43  ALA A CA  1 
ATOM   335 C  C   . ALA A 1 43 ? -0.299  5.096   -12.031 1.00 18.75  ? 43  ALA A C   1 
ATOM   336 O  O   . ALA A 1 43 ? 0.497   4.198   -12.289 1.00 18.73  ? 43  ALA A O   1 
ATOM   337 C  CB  . ALA A 1 43 ? -2.542  4.093   -12.492 1.00 14.19  ? 43  ALA A CB  1 
ATOM   338 N  N   . SER A 1 44 ? -0.041  6.368   -12.220 1.00 16.14  ? 44  SER A N   1 
ATOM   339 C  CA  . SER A 1 44 ? 1.234   6.698   -12.779 1.00 22.51  ? 44  SER A CA  1 
ATOM   340 C  C   . SER A 1 44 ? 2.249   7.105   -11.729 1.00 25.31  ? 44  SER A C   1 
ATOM   341 O  O   . SER A 1 44 ? 3.385   7.409   -12.066 1.00 20.85  ? 44  SER A O   1 
ATOM   342 C  CB  . SER A 1 44 ? 1.098   7.681   -13.922 1.00 15.41  ? 44  SER A CB  1 
ATOM   343 O  OG  . SER A 1 44 ? 0.821   8.954   -13.380 1.00 21.39  ? 44  SER A OG  1 
ATOM   344 N  N   . ALA A 1 45 ? 1.868   7.120   -10.454 1.00 18.98  ? 45  ALA A N   1 
ATOM   345 C  CA  . ALA A 1 45 ? 2.841   7.495   -9.439  1.00 15.04  ? 45  ALA A CA  1 
ATOM   346 C  C   . ALA A 1 45 ? 3.718   6.281   -9.181  1.00 13.11  ? 45  ALA A C   1 
ATOM   347 O  O   . ALA A 1 45 ? 3.341   5.353   -8.472  1.00 13.17  ? 45  ALA A O   1 
ATOM   348 C  CB  . ALA A 1 45 ? 2.152   8.004   -8.182  1.00 12.24  ? 45  ALA A CB  1 
ATOM   349 N  N   . GLN A 1 46 ? 4.905   6.244   -9.765  1.00 11.53  ? 46  GLN A N   1 
ATOM   350 C  CA  . GLN A 1 46 ? 5.731   5.067   -9.563  1.00 10.04  ? 46  GLN A CA  1 
ATOM   351 C  C   . GLN A 1 46 ? 6.557   4.936   -8.321  1.00 9.92   ? 46  GLN A C   1 
ATOM   352 O  O   . GLN A 1 46 ? 7.228   3.920   -8.138  1.00 16.52  ? 46  GLN A O   1 
ATOM   353 C  CB  . GLN A 1 46 ? 6.587   4.805   -10.795 1.00 20.50  ? 46  GLN A CB  1 
ATOM   354 C  CG  . GLN A 1 46 ? 5.685   4.669   -12.025 1.00 32.76  ? 46  GLN A CG  1 
ATOM   355 C  CD  . GLN A 1 46 ? 6.416   3.960   -13.131 1.00 29.04  ? 46  GLN A CD  1 
ATOM   356 O  OE1 . GLN A 1 46 ? 6.495   2.719   -13.152 1.00 100.00 ? 46  GLN A OE1 1 
ATOM   357 N  NE2 . GLN A 1 46 ? 6.965   4.752   -14.044 1.00 87.81  ? 46  GLN A NE2 1 
ATOM   358 N  N   . ASP A 1 47 ? 6.507   5.957   -7.487  1.00 6.79   ? 47  ASP A N   1 
ATOM   359 C  CA  . ASP A 1 47 ? 7.273   5.933   -6.273  1.00 5.76   ? 47  ASP A CA  1 
ATOM   360 C  C   . ASP A 1 47 ? 6.432   5.978   -5.008  1.00 7.47   ? 47  ASP A C   1 
ATOM   361 O  O   . ASP A 1 47 ? 6.386   5.006   -4.259  1.00 8.54   ? 47  ASP A O   1 
ATOM   362 C  CB  . ASP A 1 47 ? 8.324   7.050   -6.315  1.00 8.31   ? 47  ASP A CB  1 
ATOM   363 C  CG  . ASP A 1 47 ? 7.796   8.411   -6.698  1.00 25.42  ? 47  ASP A CG  1 
ATOM   364 O  OD1 . ASP A 1 47 ? 6.547   8.448   -7.101  1.00 12.66  ? 47  ASP A OD1 1 
ATOM   365 O  OD2 . ASP A 1 47 ? 8.488   9.403   -6.614  1.00 15.13  ? 47  ASP A OD2 1 
ATOM   366 N  N   . TRP A 1 48 ? 5.776   7.116   -4.779  1.00 9.10   ? 48  TRP A N   1 
ATOM   367 C  CA  . TRP A 1 48 ? 4.912   7.334   -3.628  1.00 10.80  ? 48  TRP A CA  1 
ATOM   368 C  C   . TRP A 1 48 ? 3.639   7.962   -4.134  1.00 11.16  ? 48  TRP A C   1 
ATOM   369 O  O   . TRP A 1 48 ? 3.684   8.877   -4.945  1.00 13.61  ? 48  TRP A O   1 
ATOM   370 C  CB  . TRP A 1 48 ? 5.535   8.230   -2.546  1.00 7.95   ? 48  TRP A CB  1 
ATOM   371 C  CG  . TRP A 1 48 ? 6.735   7.571   -1.960  1.00 10.88  ? 48  TRP A CG  1 
ATOM   372 C  CD1 . TRP A 1 48 ? 7.992   7.612   -2.468  1.00 9.82   ? 48  TRP A CD1 1 
ATOM   373 C  CD2 . TRP A 1 48 ? 6.789   6.755   -0.789  1.00 10.16  ? 48  TRP A CD2 1 
ATOM   374 N  NE1 . TRP A 1 48 ? 8.844   6.887   -1.678  1.00 13.33  ? 48  TRP A NE1 1 
ATOM   375 C  CE2 . TRP A 1 48 ? 8.136   6.346   -0.641  1.00 9.58   ? 48  TRP A CE2 1 
ATOM   376 C  CE3 . TRP A 1 48 ? 5.837   6.346   0.146   1.00 9.42   ? 48  TRP A CE3 1 
ATOM   377 C  CZ2 . TRP A 1 48 ? 8.533   5.527   0.415   1.00 5.62   ? 48  TRP A CZ2 1 
ATOM   378 C  CZ3 . TRP A 1 48 ? 6.235   5.546   1.196   1.00 10.94  ? 48  TRP A CZ3 1 
ATOM   379 C  CH2 . TRP A 1 48 ? 7.568   5.143   1.325   1.00 12.07  ? 48  TRP A CH2 1 
ATOM   380 N  N   . GLY A 1 49 ? 2.498   7.477   -3.685  1.00 8.75   ? 49  GLY A N   1 
ATOM   381 C  CA  . GLY A 1 49 ? 1.270   8.057   -4.177  1.00 5.53   ? 49  GLY A CA  1 
ATOM   382 C  C   . GLY A 1 49 ? 0.150   7.897   -3.177  1.00 9.24   ? 49  GLY A C   1 
ATOM   383 O  O   . GLY A 1 49 ? 0.243   7.180   -2.186  1.00 11.82  ? 49  GLY A O   1 
ATOM   384 N  N   . PRO A 1 50 ? -0.936  8.587   -3.455  1.00 9.79   ? 50  PRO A N   1 
ATOM   385 C  CA  . PRO A 1 50 ? -2.081  8.524   -2.575  1.00 8.77   ? 50  PRO A CA  1 
ATOM   386 C  C   . PRO A 1 50 ? -2.817  7.191   -2.653  1.00 5.42   ? 50  PRO A C   1 
ATOM   387 O  O   . PRO A 1 50 ? -2.778  6.458   -3.647  1.00 9.41   ? 50  PRO A O   1 
ATOM   388 C  CB  . PRO A 1 50 ? -3.005  9.663   -3.030  1.00 10.71  ? 50  PRO A CB  1 
ATOM   389 C  CG  . PRO A 1 50 ? -2.473  10.174  -4.361  1.00 21.45  ? 50  PRO A CG  1 
ATOM   390 C  CD  . PRO A 1 50 ? -1.058  9.641   -4.495  1.00 11.36  ? 50  PRO A CD  1 
ATOM   391 N  N   . CYS A 1 51 ? -3.505  6.910   -1.563  1.00 6.93   ? 51  CYS A N   1 
ATOM   392 C  CA  . CYS A 1 51 ? -4.305  5.701   -1.396  1.00 11.32  ? 51  CYS A CA  1 
ATOM   393 C  C   . CYS A 1 51 ? -5.636  6.057   -0.713  1.00 10.42  ? 51  CYS A C   1 
ATOM   394 O  O   . CYS A 1 51 ? -5.638  6.677   0.347   1.00 5.79   ? 51  CYS A O   1 
ATOM   395 C  CB  . CYS A 1 51 ? -3.533  4.650   -0.571  1.00 8.26   ? 51  CYS A CB  1 
ATOM   396 S  SG  . CYS A 1 51 ? -4.614  3.288   -0.078  1.00 8.59   ? 51  CYS A SG  1 
ATOM   397 N  N   . SER A 1 52 ? -6.775  5.677   -1.291  1.00 8.10   ? 52  SER A N   1 
ATOM   398 C  CA  . SER A 1 52 ? -8.093  5.987   -0.731  1.00 11.83  ? 52  SER A CA  1 
ATOM   399 C  C   . SER A 1 52 ? -8.309  5.550   0.699   1.00 13.88  ? 52  SER A C   1 
ATOM   400 O  O   . SER A 1 52 ? -9.034  6.183   1.458   1.00 13.27  ? 52  SER A O   1 
ATOM   401 C  CB  . SER A 1 52 ? -9.168  5.331   -1.567  1.00 12.56  ? 52  SER A CB  1 
ATOM   402 O  OG  . SER A 1 52 ? -8.965  5.812   -2.875  1.00 51.99  ? 52  SER A OG  1 
ATOM   403 N  N   . VAL A 1 53 ? -7.681  4.450   1.066   1.00 8.44   ? 53  VAL A N   1 
ATOM   404 C  CA  . VAL A 1 53 ? -7.854  3.972   2.411   1.00 6.06   ? 53  VAL A CA  1 
ATOM   405 C  C   . VAL A 1 53 ? -6.958  4.640   3.445   1.00 6.27   ? 53  VAL A C   1 
ATOM   406 O  O   . VAL A 1 53 ? -7.129  4.394   4.635   1.00 7.77   ? 53  VAL A O   1 
ATOM   407 C  CB  . VAL A 1 53 ? -8.001  2.443   2.466   1.00 15.83  ? 53  VAL A CB  1 
ATOM   408 C  CG1 . VAL A 1 53 ? -6.663  1.724   2.396   1.00 13.87  ? 53  VAL A CG1 1 
ATOM   409 C  CG2 . VAL A 1 53 ? -8.782  1.991   3.693   1.00 28.49  ? 53  VAL A CG2 1 
ATOM   410 N  N   . PHE A 1 54 ? -6.025  5.504   3.009   1.00 6.22   ? 54  PHE A N   1 
ATOM   411 C  CA  . PHE A 1 54 ? -5.120  6.211   3.908   1.00 3.52   ? 54  PHE A CA  1 
ATOM   412 C  C   . PHE A 1 54 ? -5.142  7.692   3.586   1.00 9.75   ? 54  PHE A C   1 
ATOM   413 O  O   . PHE A 1 54 ? -4.198  8.250   3.040   1.00 7.57   ? 54  PHE A O   1 
ATOM   414 C  CB  . PHE A 1 54 ? -3.682  5.705   3.680   1.00 7.97   ? 54  PHE A CB  1 
ATOM   415 C  CG  . PHE A 1 54 ? -3.418  4.362   4.313   1.00 6.60   ? 54  PHE A CG  1 
ATOM   416 C  CD1 . PHE A 1 54 ? -3.322  4.291   5.703   1.00 9.87   ? 54  PHE A CD1 1 
ATOM   417 C  CD2 . PHE A 1 54 ? -3.262  3.187   3.575   1.00 8.60   ? 54  PHE A CD2 1 
ATOM   418 C  CE1 . PHE A 1 54 ? -3.071  3.086   6.359   1.00 10.64  ? 54  PHE A CE1 1 
ATOM   419 C  CE2 . PHE A 1 54 ? -3.006  1.973   4.214   1.00 4.79   ? 54  PHE A CE2 1 
ATOM   420 C  CZ  . PHE A 1 54 ? -2.915  1.921   5.606   1.00 7.78   ? 54  PHE A CZ  1 
ATOM   421 N  N   . PRO A 1 55 ? -6.239  8.353   3.904   1.00 11.03  ? 55  PRO A N   1 
ATOM   422 C  CA  . PRO A 1 55 ? -6.366  9.770   3.628   1.00 11.93  ? 55  PRO A CA  1 
ATOM   423 C  C   . PRO A 1 55 ? -5.233  10.599  4.218   1.00 6.83   ? 55  PRO A C   1 
ATOM   424 O  O   . PRO A 1 55 ? -4.824  10.397  5.361   1.00 13.36  ? 55  PRO A O   1 
ATOM   425 C  CB  . PRO A 1 55 ? -7.694  10.206  4.251   1.00 11.21  ? 55  PRO A CB  1 
ATOM   426 C  CG  . PRO A 1 55 ? -8.419  8.939   4.665   1.00 11.67  ? 55  PRO A CG  1 
ATOM   427 C  CD  . PRO A 1 55 ? -7.406  7.804   4.629   1.00 11.57  ? 55  PRO A CD  1 
ATOM   428 N  N   . GLY A 1 56 ? -4.740  11.548  3.420   1.00 8.92   ? 56  GLY A N   1 
ATOM   429 C  CA  . GLY A 1 56 ? -3.670  12.434  3.850   1.00 14.98  ? 56  GLY A CA  1 
ATOM   430 C  C   . GLY A 1 56 ? -2.281  11.832  3.815   1.00 21.56  ? 56  GLY A C   1 
ATOM   431 O  O   . GLY A 1 56 ? -1.321  12.451  4.264   1.00 11.39  ? 56  GLY A O   1 
ATOM   432 N  N   . LYS A 1 57 ? -2.170  10.623  3.278   1.00 12.88  ? 57  LYS A N   1 
ATOM   433 C  CA  . LYS A 1 57 ? -0.876  9.976   3.222   1.00 14.08  ? 57  LYS A CA  1 
ATOM   434 C  C   . LYS A 1 57 ? -0.474  9.500   1.847   1.00 12.46  ? 57  LYS A C   1 
ATOM   435 O  O   . LYS A 1 57 ? -1.322  9.315   0.980   1.00 12.59  ? 57  LYS A O   1 
ATOM   436 C  CB  . LYS A 1 57 ? -1.007  8.590   3.813   1.00 15.12  ? 57  LYS A CB  1 
ATOM   437 C  CG  . LYS A 1 57 ? -1.234  8.588   5.294   1.00 16.62  ? 57  LYS A CG  1 
ATOM   438 C  CD  . LYS A 1 57 ? -0.365  9.600   5.980   1.00 19.64  ? 57  LYS A CD  1 
ATOM   439 C  CE  . LYS A 1 57 ? -0.439  9.389   7.472   1.00 30.74  ? 57  LYS A CE  1 
ATOM   440 N  NZ  . LYS A 1 57 ? 0.093   10.528  8.225   1.00 47.28  ? 57  LYS A NZ  1 
ATOM   441 N  N   . LEU A 1 58 ? 0.834   9.293   1.692   1.00 8.71   ? 58  LEU A N   1 
ATOM   442 C  CA  . LEU A 1 58 ? 1.420   8.789   0.460   1.00 6.68   ? 58  LEU A CA  1 
ATOM   443 C  C   . LEU A 1 58 ? 1.890   7.377   0.802   1.00 8.28   ? 58  LEU A C   1 
ATOM   444 O  O   . LEU A 1 58 ? 2.544   7.183   1.833   1.00 7.90   ? 58  LEU A O   1 
ATOM   445 C  CB  . LEU A 1 58 ? 2.667   9.553   -0.028  1.00 9.43   ? 58  LEU A CB  1 
ATOM   446 C  CG  . LEU A 1 58 ? 2.376   10.978  -0.478  1.00 16.50  ? 58  LEU A CG  1 
ATOM   447 C  CD1 . LEU A 1 58 ? 3.690   11.653  -0.862  1.00 17.92  ? 58  LEU A CD1 1 
ATOM   448 C  CD2 . LEU A 1 58 ? 1.434   10.954  -1.674  1.00 14.67  ? 58  LEU A CD2 1 
ATOM   449 N  N   . VAL A 1 59 ? 1.571   6.388   -0.033  1.00 8.63   ? 59  VAL A N   1 
ATOM   450 C  CA  . VAL A 1 59 ? 2.009   5.021   0.231   1.00 7.75   ? 59  VAL A CA  1 
ATOM   451 C  C   . VAL A 1 59 ? 3.048   4.629   -0.814  1.00 11.95  ? 59  VAL A C   1 
ATOM   452 O  O   . VAL A 1 59 ? 3.114   5.245   -1.881  1.00 10.40  ? 59  VAL A O   1 
ATOM   453 C  CB  . VAL A 1 59 ? 0.873   4.005   0.278   1.00 8.43   ? 59  VAL A CB  1 
ATOM   454 C  CG1 . VAL A 1 59 ? -0.143  4.454   1.328   1.00 13.06  ? 59  VAL A CG1 1 
ATOM   455 C  CG2 . VAL A 1 59 ? 0.216   3.872   -1.088  1.00 6.67   ? 59  VAL A CG2 1 
ATOM   456 N  N   . SER A 1 60 ? 3.851   3.616   -0.506  1.00 5.08   ? 60  SER A N   1 
ATOM   457 C  CA  . SER A 1 60 ? 4.876   3.132   -1.409  1.00 6.20   ? 60  SER A CA  1 
ATOM   458 C  C   . SER A 1 60 ? 4.287   2.382   -2.604  1.00 12.67  ? 60  SER A C   1 
ATOM   459 O  O   . SER A 1 60 ? 3.493   1.456   -2.437  1.00 6.93   ? 60  SER A O   1 
ATOM   460 C  CB  . SER A 1 60 ? 5.781   2.209   -0.614  1.00 7.36   ? 60  SER A CB  1 
ATOM   461 O  OG  . SER A 1 60 ? 6.654   1.534   -1.499  1.00 9.86   ? 60  SER A OG  1 
ATOM   462 N  N   . ALA A 1 61 ? 4.661   2.757   -3.832  1.00 8.87   ? 61  ALA A N   1 
ATOM   463 C  CA  . ALA A 1 61 ? 4.137   2.062   -5.001  1.00 14.11  ? 61  ALA A CA  1 
ATOM   464 C  C   . ALA A 1 61 ? 4.486   0.568   -4.970  1.00 11.32  ? 61  ALA A C   1 
ATOM   465 O  O   . ALA A 1 61 ? 3.817   -0.288  -5.558  1.00 10.24  ? 61  ALA A O   1 
ATOM   466 C  CB  . ALA A 1 61 ? 4.668   2.705   -6.272  1.00 11.46  ? 61  ALA A CB  1 
ATOM   467 N  N   . ASN A 1 62 ? 5.559   0.238   -4.267  1.00 5.14   ? 62  ASN A N   1 
ATOM   468 C  CA  . ASN A 1 62 ? 5.963   -1.157  -4.187  1.00 8.49   ? 62  ASN A CA  1 
ATOM   469 C  C   . ASN A 1 62 ? 5.462   -1.854  -2.936  1.00 11.83  ? 62  ASN A C   1 
ATOM   470 O  O   . ASN A 1 62 ? 5.890   -2.974  -2.658  1.00 10.37  ? 62  ASN A O   1 
ATOM   471 C  CB  . ASN A 1 62 ? 7.491   -1.297  -4.125  1.00 15.15  ? 62  ASN A CB  1 
ATOM   472 C  CG  . ASN A 1 62 ? 8.166   -0.520  -5.218  1.00 27.58  ? 62  ASN A CG  1 
ATOM   473 O  OD1 . ASN A 1 62 ? 8.923   0.421   -4.950  1.00 55.85  ? 62  ASN A OD1 1 
ATOM   474 N  ND2 . ASN A 1 62 ? 7.878   -0.907  -6.457  1.00 26.61  ? 62  ASN A ND2 1 
ATOM   475 N  N   . GLY A 1 63 ? 4.577   -1.198  -2.188  1.00 9.54   ? 63  GLY A N   1 
ATOM   476 C  CA  . GLY A 1 63 ? 4.036   -1.749  -0.948  1.00 5.80   ? 63  GLY A CA  1 
ATOM   477 C  C   . GLY A 1 63 ? 2.817   -2.659  -1.087  1.00 4.37   ? 63  GLY A C   1 
ATOM   478 O  O   . GLY A 1 63 ? 2.463   -3.109  -2.177  1.00 7.16   ? 63  GLY A O   1 
ATOM   479 N  N   . TRP A 1 64 ? 2.179   -2.924  0.052   1.00 6.38   ? 64  TRP A N   1 
ATOM   480 C  CA  . TRP A 1 64 ? 1.009   -3.784  0.097   1.00 7.16   ? 64  TRP A CA  1 
ATOM   481 C  C   . TRP A 1 64 ? 0.333   -3.685  1.454   1.00 7.57   ? 64  TRP A C   1 
ATOM   482 O  O   . TRP A 1 64 ? 0.987   -3.370  2.434   1.00 9.31   ? 64  TRP A O   1 
ATOM   483 C  CB  . TRP A 1 64 ? 1.476   -5.257  -0.067  1.00 5.93   ? 64  TRP A CB  1 
ATOM   484 C  CG  . TRP A 1 64 ? 0.360   -6.258  -0.150  1.00 7.70   ? 64  TRP A CG  1 
ATOM   485 C  CD1 . TRP A 1 64 ? -0.253  -6.673  -1.282  1.00 10.33  ? 64  TRP A CD1 1 
ATOM   486 C  CD2 . TRP A 1 64 ? -0.260  -6.977  0.926   1.00 9.67   ? 64  TRP A CD2 1 
ATOM   487 N  NE1 . TRP A 1 64 ? -1.226  -7.593  -0.987  1.00 9.84   ? 64  TRP A NE1 1 
ATOM   488 C  CE2 . TRP A 1 64 ? -1.249  -7.806  0.363   1.00 9.42   ? 64  TRP A CE2 1 
ATOM   489 C  CE3 . TRP A 1 64 ? -0.072  -6.994  2.302   1.00 6.51   ? 64  TRP A CE3 1 
ATOM   490 C  CZ2 . TRP A 1 64 ? -2.045  -8.646  1.152   1.00 13.96  ? 64  TRP A CZ2 1 
ATOM   491 C  CZ3 . TRP A 1 64 ? -0.856  -7.817  3.077   1.00 7.00   ? 64  TRP A CZ3 1 
ATOM   492 C  CH2 . TRP A 1 64 ? -1.832  -8.636  2.512   1.00 1.93   ? 64  TRP A CH2 1 
ATOM   493 N  N   . CYS A 1 65 ? -0.957  -3.974  1.516   1.00 8.95   ? 65  CYS A N   1 
ATOM   494 C  CA  . CYS A 1 65 ? -1.711  -3.969  2.754   1.00 8.20   ? 65  CYS A CA  1 
ATOM   495 C  C   . CYS A 1 65 ? -2.872  -4.915  2.504   1.00 8.75   ? 65  CYS A C   1 
ATOM   496 O  O   . CYS A 1 65 ? -3.138  -5.289  1.353   1.00 4.80   ? 65  CYS A O   1 
ATOM   497 C  CB  . CYS A 1 65 ? -2.167  -2.592  3.295   1.00 3.13   ? 65  CYS A CB  1 
ATOM   498 S  SG  . CYS A 1 65 ? -3.683  -1.971  2.522   1.00 7.35   ? 65  CYS A SG  1 
ATOM   499 N  N   . THR A 1 66 ? -3.558  -5.303  3.570   1.00 9.41   ? 66  THR A N   1 
ATOM   500 C  CA  . THR A 1 66 ? -4.689  -6.224  3.477   1.00 10.28  ? 66  THR A CA  1 
ATOM   501 C  C   . THR A 1 66 ? -5.865  -5.738  2.638   1.00 11.82  ? 66  THR A C   1 
ATOM   502 O  O   . THR A 1 66 ? -6.710  -6.537  2.217   1.00 9.30   ? 66  THR A O   1 
ATOM   503 C  CB  . THR A 1 66 ? -5.152  -6.732  4.860   1.00 6.53   ? 66  THR A CB  1 
ATOM   504 O  OG1 . THR A 1 66 ? -5.629  -5.640  5.632   1.00 6.81   ? 66  THR A OG1 1 
ATOM   505 C  CG2 . THR A 1 66 ? -4.031  -7.454  5.596   1.00 6.41   ? 66  THR A CG2 1 
ATOM   506 N  N   . ALA A 1 67 ? -5.929  -4.429  2.394   1.00 9.67   ? 67  ALA A N   1 
ATOM   507 C  CA  . ALA A 1 67 ? -7.002  -3.881  1.592   1.00 10.28  ? 67  ALA A CA  1 
ATOM   508 C  C   . ALA A 1 67 ? -6.682  -3.976  0.099   1.00 7.21   ? 67  ALA A C   1 
ATOM   509 O  O   . ALA A 1 67 ? -7.427  -3.472  -0.738  1.00 7.87   ? 67  ALA A O   1 
ATOM   510 C  CB  . ALA A 1 67 ? -7.373  -2.462  1.996   1.00 6.98   ? 67  ALA A CB  1 
ATOM   511 N  N   . TRP A 1 68 ? -5.577  -4.624  -0.270  1.00 8.59   ? 68  TRP A N   1 
ATOM   512 C  CA  . TRP A 1 68 ? -5.249  -4.745  -1.685  1.00 11.85  ? 68  TRP A CA  1 
ATOM   513 C  C   . TRP A 1 68 ? -6.378  -5.368  -2.503  1.00 17.13  ? 68  TRP A C   1 
ATOM   514 O  O   . TRP A 1 68 ? -6.973  -6.383  -2.127  1.00 7.27   ? 68  TRP A O   1 
ATOM   515 C  CB  . TRP A 1 68 ? -3.969  -5.565  -1.919  1.00 5.60   ? 68  TRP A CB  1 
ATOM   516 C  CG  . TRP A 1 68 ? -3.592  -5.555  -3.364  1.00 9.08   ? 68  TRP A CG  1 
ATOM   517 C  CD1 . TRP A 1 68 ? -2.746  -4.683  -3.962  1.00 7.13   ? 68  TRP A CD1 1 
ATOM   518 C  CD2 . TRP A 1 68 ? -4.055  -6.440  -4.389  1.00 11.91  ? 68  TRP A CD2 1 
ATOM   519 N  NE1 . TRP A 1 68 ? -2.649  -4.961  -5.304  1.00 6.66   ? 68  TRP A NE1 1 
ATOM   520 C  CE2 . TRP A 1 68 ? -3.435  -6.033  -5.593  1.00 10.45  ? 68  TRP A CE2 1 
ATOM   521 C  CE3 . TRP A 1 68 ? -4.920  -7.539  -4.411  1.00 10.73  ? 68  TRP A CE3 1 
ATOM   522 C  CZ2 . TRP A 1 68 ? -3.672  -6.703  -6.798  1.00 13.79  ? 68  TRP A CZ2 1 
ATOM   523 C  CZ3 . TRP A 1 68 ? -5.153  -8.194  -5.605  1.00 12.70  ? 68  TRP A CZ3 1 
ATOM   524 C  CH2 . TRP A 1 68 ? -4.536  -7.779  -6.786  1.00 9.80   ? 68  TRP A CH2 1 
ATOM   525 N  N   . VAL A 1 69 ? -6.670  -4.746  -3.642  1.00 10.12  ? 69  VAL A N   1 
ATOM   526 C  CA  . VAL A 1 69 ? -7.703  -5.217  -4.548  1.00 7.64   ? 69  VAL A CA  1 
ATOM   527 C  C   . VAL A 1 69 ? -7.270  -4.885  -5.987  1.00 9.96   ? 69  VAL A C   1 
ATOM   528 O  O   . VAL A 1 69 ? -6.790  -3.793  -6.276  1.00 10.00  ? 69  VAL A O   1 
ATOM   529 C  CB  . VAL A 1 69 ? -9.114  -4.782  -4.108  1.00 11.03  ? 69  VAL A CB  1 
ATOM   530 C  CG1 . VAL A 1 69 ? -9.216  -3.272  -4.043  1.00 15.84  ? 69  VAL A CG1 1 
ATOM   531 C  CG2 . VAL A 1 69 ? -10.206 -5.309  -5.028  1.00 19.23  ? 69  VAL A CG2 1 
ATOM   532 N  N   . ALA A 1 70 ? -7.394  -5.836  -6.910  1.00 12.86  ? 70  ALA A N   1 
ATOM   533 C  CA  . ALA A 1 70 ? -6.984  -5.596  -8.286  1.00 11.48  ? 70  ALA A CA  1 
ATOM   534 C  C   . ALA A 1 70 ? -7.681  -4.452  -8.967  1.00 18.11  ? 70  ALA A C   1 
ATOM   535 O  O   . ALA A 1 70 ? -8.869  -4.187  -8.783  1.00 17.96  ? 70  ALA A O   1 
ATOM   536 C  CB  . ALA A 1 70 ? -7.210  -6.815  -9.163  1.00 14.50  ? 70  ALA A CB  1 
ATOM   537 N  N   . ARG A 1 71 ? -6.897  -3.788  -9.791  1.00 17.36  ? 71  ARG A N   1 
ATOM   538 C  CA  . ARG A 1 71 ? -7.393  -2.672  -10.558 1.00 22.89  ? 71  ARG A CA  1 
ATOM   539 C  C   . ARG A 1 71 ? -8.328  -3.241  -11.618 1.00 35.54  ? 71  ARG A C   1 
ATOM   540 O  O   . ARG A 1 71 ? -9.306  -2.550  -11.978 1.00 50.90  ? 71  ARG A O   1 
ATOM   541 C  CB  . ARG A 1 71 ? -6.219  -1.956  -11.204 1.00 13.64  ? 71  ARG A CB  1 
ATOM   542 C  CG  . ARG A 1 71 ? -6.296  -0.443  -11.203 1.00 37.40  ? 71  ARG A CG  1 
ATOM   543 C  CD  . ARG A 1 71 ? -5.122  0.105   -11.996 1.00 100.00 ? 71  ARG A CD  1 
ATOM   544 N  NE  . ARG A 1 71 ? -4.033  0.542   -11.135 1.00 28.55  ? 71  ARG A NE  1 
ATOM   545 C  CZ  . ARG A 1 71 ? -4.229  1.504   -10.243 1.00 43.80  ? 71  ARG A CZ  1 
ATOM   546 N  NH1 . ARG A 1 71 ? -5.417  2.087   -10.113 1.00 39.08  ? 71  ARG A NH1 1 
ATOM   547 N  NH2 . ARG A 1 71 ? -3.232  1.906   -9.462  1.00 16.67  ? 71  ARG A NH2 1 
ATOM   548 O  OXT . ARG A 1 71 ? -8.084  -4.385  -12.064 1.00 76.84  ? 71  ARG A OXT 1 
HETATM 549 FE FE1 . SF4 B 2 .  ? -1.424  -0.100  -1.215  1.00 8.54   ? 80  SF4 A FE1 1 
HETATM 550 FE FE2 . SF4 B 2 .  ? -3.924  -0.810  -2.078  1.00 10.35  ? 80  SF4 A FE2 1 
HETATM 551 FE FE3 . SF4 B 2 .  ? -3.554  1.388   -0.486  1.00 9.58   ? 80  SF4 A FE3 1 
HETATM 552 FE FE4 . SF4 B 2 .  ? -3.164  -1.107  0.543   1.00 8.32   ? 80  SF4 A FE4 1 
HETATM 553 S  S1  . SF4 B 2 .  ? -5.089  -0.277  -0.276  1.00 8.26   ? 80  SF4 A S1  1 
HETATM 554 S  S2  . SF4 B 2 .  ? -1.828  0.681   0.830   1.00 8.80   ? 80  SF4 A S2  1 
HETATM 555 S  S3  . SF4 B 2 .  ? -2.363  -2.177  -1.229  1.00 7.13   ? 80  SF4 A S3  1 
HETATM 556 S  S4  . SF4 B 2 .  ? -2.726  1.072   -2.565  1.00 8.22   ? 80  SF4 A S4  1 
HETATM 557 O  O   . HOH C 3 .  ? 2.725   9.606   7.986   1.00 28.16  ? 81  HOH A O   1 
HETATM 558 O  O   . HOH C 3 .  ? 4.002   15.216  0.426   1.00 16.55  ? 82  HOH A O   1 
HETATM 559 O  O   . HOH C 3 .  ? 5.773   13.304  2.023   1.00 10.22  ? 83  HOH A O   1 
HETATM 560 O  O   . HOH C 3 .  ? 1.107   18.615  2.002   1.00 22.79  ? 84  HOH A O   1 
HETATM 561 O  O   . HOH C 3 .  ? 8.777   -2.908  3.983   1.00 14.69  ? 85  HOH A O   1 
HETATM 562 O  O   . HOH C 3 .  ? 2.651   -1.901  9.308   1.00 16.01  ? 86  HOH A O   1 
HETATM 563 O  O   . HOH C 3 .  ? -6.056  1.445   8.848   1.00 8.72   ? 87  HOH A O   1 
HETATM 564 O  O   . HOH C 3 .  ? -6.068  -6.017  8.254   1.00 7.63   ? 88  HOH A O   1 
HETATM 565 O  O   . HOH C 3 .  ? 7.328   -4.561  -4.368  1.00 27.79  ? 89  HOH A O   1 
HETATM 566 O  O   . HOH C 3 .  ? 9.569   -12.277 -1.129  1.00 27.12  ? 90  HOH A O   1 
HETATM 567 O  O   . HOH C 3 .  ? 4.190   -8.237  -4.752  1.00 12.82  ? 91  HOH A O   1 
HETATM 568 O  O   . HOH C 3 .  ? -7.536  -13.127 -0.788  1.00 18.44  ? 92  HOH A O   1 
HETATM 569 O  O   . HOH C 3 .  ? -1.599  6.822   -6.142  1.00 8.39   ? 93  HOH A O   1 
HETATM 570 O  O   . HOH C 3 .  ? -10.784 5.016   -4.456  1.00 29.86  ? 94  HOH A O   1 
HETATM 571 O  O   . HOH C 3 .  ? -3.854  9.210   0.281   1.00 7.97   ? 95  HOH A O   1 
HETATM 572 O  O   . HOH C 3 .  ? 7.179   -10.709 -3.374  1.00 42.25  ? 96  HOH A O   1 
HETATM 573 O  O   . HOH C 3 .  ? 11.589  7.494   5.609   1.00 35.70  ? 97  HOH A O   1 
HETATM 574 O  O   . HOH C 3 .  ? -8.313  -8.482  -3.346  1.00 13.02  ? 98  HOH A O   1 
HETATM 575 O  O   . HOH C 3 .  ? -8.542  -8.522  -6.061  1.00 14.05  ? 99  HOH A O   1 
HETATM 576 O  O   . HOH C 3 .  ? -7.370  -10.439 -7.477  1.00 27.07  ? 100 HOH A O   1 
HETATM 577 O  O   . HOH C 3 .  ? -3.281  -11.494 -7.076  1.00 34.86  ? 101 HOH A O   1 
HETATM 578 O  O   . HOH C 3 .  ? -4.576  -9.986  -1.443  1.00 19.13  ? 102 HOH A O   1 
HETATM 579 O  O   . HOH C 3 .  ? 4.111   -9.350  6.820   1.00 38.82  ? 103 HOH A O   1 
HETATM 580 O  O   . HOH C 3 .  ? 7.259   12.118  4.842   1.00 28.17  ? 104 HOH A O   1 
HETATM 581 O  O   . HOH C 3 .  ? 7.710   6.664   6.079   1.00 41.38  ? 105 HOH A O   1 
HETATM 582 O  O   . HOH C 3 .  ? -6.551  3.629   7.352   1.00 12.37  ? 106 HOH A O   1 
HETATM 583 O  O   . HOH C 3 .  ? -6.128  6.375   7.925   1.00 20.81  ? 107 HOH A O   1 
HETATM 584 O  O   . HOH C 3 .  ? -4.193  8.017   6.863   1.00 22.98  ? 108 HOH A O   1 
HETATM 585 O  O   . HOH C 3 .  ? -8.100  8.108   8.234   1.00 19.29  ? 109 HOH A O   1 
HETATM 586 O  O   . HOH C 3 .  ? -7.096  -4.679  11.610  1.00 24.19  ? 110 HOH A O   1 
HETATM 587 O  O   . HOH C 3 .  ? 2.158   -7.258  6.512   1.00 32.10  ? 111 HOH A O   1 
HETATM 588 O  O   . HOH C 3 .  ? 10.912  -0.900  2.932   1.00 26.83  ? 112 HOH A O   1 
HETATM 589 O  O   . HOH C 3 .  ? -5.549  -14.905 -1.775  1.00 31.52  ? 113 HOH A O   1 
HETATM 590 O  O   . HOH C 3 .  ? -6.786  -10.922 -2.983  1.00 33.50  ? 114 HOH A O   1 
HETATM 591 O  O   . HOH C 3 .  ? -0.128  1.374   -12.671 1.00 32.47  ? 115 HOH A O   1 
HETATM 592 O  O   . HOH C 3 .  ? -1.271  13.642  6.846   1.00 32.05  ? 116 HOH A O   1 
HETATM 593 O  O   . HOH C 3 .  ? -0.713  -0.680  16.383  1.00 47.09  ? 117 HOH A O   1 
HETATM 594 O  O   . HOH C 3 .  ? -3.078  -0.164  14.928  1.00 37.97  ? 118 HOH A O   1 
HETATM 595 O  O   . HOH C 3 .  ? 6.393   -7.186  -5.630  1.00 24.88  ? 119 HOH A O   1 
HETATM 596 O  O   . HOH C 3 .  ? 1.497   -14.889 -7.682  1.00 32.16  ? 120 HOH A O   1 
HETATM 597 O  O   . HOH C 3 .  ? -0.340  -11.594 -8.523  1.00 30.87  ? 121 HOH A O   1 
HETATM 598 O  O   . HOH C 3 .  ? 5.429   -2.089  -7.820  1.00 32.69  ? 122 HOH A O   1 
HETATM 599 O  O   . HOH C 3 .  ? -4.435  -5.247  -10.710 1.00 29.66  ? 123 HOH A O   1 
HETATM 600 O  O   . HOH C 3 .  ? -2.948  15.872  3.583   1.00 29.66  ? 124 HOH A O   1 
HETATM 601 O  O   . HOH C 3 .  ? 13.065  -2.223  1.143   1.00 41.03  ? 125 HOH A O   1 
HETATM 602 O  O   . HOH C 3 .  ? -6.216  -12.046 -5.208  1.00 39.74  ? 126 HOH A O   1 
HETATM 603 O  O   . HOH C 3 .  ? -4.424  6.865   -12.274 1.00 38.54  ? 127 HOH A O   1 
HETATM 604 O  O   . HOH C 3 .  ? 2.567   2.591   -14.037 1.00 41.78  ? 128 HOH A O   1 
HETATM 605 O  O   . HOH C 3 .  ? 8.807   4.094   7.997   1.00 18.70  ? 129 HOH A O   1 
HETATM 606 O  O   . HOH C 3 .  ? 2.178   7.116   9.295   1.00 35.21  ? 130 HOH A O   1 
HETATM 607 O  O   . HOH C 3 .  ? 10.095  5.101   4.963   1.00 69.79  ? 131 HOH A O   1 
HETATM 608 O  O   . HOH C 3 .  ? 8.017   -5.996  6.468   1.00 49.93  ? 132 HOH A O   1 
HETATM 609 O  O   . HOH C 3 .  ? 6.405   -8.118  7.588   1.00 54.62  ? 133 HOH A O   1 
HETATM 610 O  O   . HOH C 3 .  ? 3.553   -4.178  -9.335  1.00 65.52  ? 134 HOH A O   1 
HETATM 611 O  O   . HOH C 3 .  ? 6.038   11.286  -4.614  1.00 67.04  ? 135 HOH A O   1 
HETATM 612 O  O   . HOH C 3 .  ? -6.596  -8.040  -0.085  1.00 38.32  ? 136 HOH A O   1 
HETATM 613 O  O   . HOH C 3 .  ? 5.077   -1.642  12.650  1.00 50.52  ? 137 HOH A O   1 
# 
